data_1GJ1
# 
_entry.id   1GJ1 
# 
_audit_conform.dict_name       mmcif_pdbx.dic 
_audit_conform.dict_version    5.392 
_audit_conform.dict_location   http://mmcif.pdb.org/dictionaries/ascii/mmcif_pdbx.dic 
# 
loop_
_database_2.database_id 
_database_2.database_code 
_database_2.pdbx_database_accession 
_database_2.pdbx_DOI 
PDB   1GJ1         pdb_00001gj1 10.2210/pdb1gj1/pdb 
RCSB  RCSB017370   ?            ?                   
WWPDB D_1000017370 ?            ?                   
# 
loop_
_pdbx_audit_revision_history.ordinal 
_pdbx_audit_revision_history.data_content_type 
_pdbx_audit_revision_history.major_revision 
_pdbx_audit_revision_history.minor_revision 
_pdbx_audit_revision_history.revision_date 
1 'Structure model' 1 0 2003-01-07 
2 'Structure model' 1 1 2008-04-28 
3 'Structure model' 1 2 2011-07-13 
4 'Structure model' 1 3 2022-02-23 
5 'Structure model' 1 4 2024-05-22 
# 
_pdbx_audit_revision_details.ordinal             1 
_pdbx_audit_revision_details.revision_ordinal    1 
_pdbx_audit_revision_details.data_content_type   'Structure model' 
_pdbx_audit_revision_details.provider            repository 
_pdbx_audit_revision_details.type                'Initial release' 
_pdbx_audit_revision_details.description         ? 
_pdbx_audit_revision_details.details             ? 
# 
loop_
_pdbx_audit_revision_group.ordinal 
_pdbx_audit_revision_group.revision_ordinal 
_pdbx_audit_revision_group.data_content_type 
_pdbx_audit_revision_group.group 
1 2 'Structure model' 'Version format compliance' 
2 3 'Structure model' 'Version format compliance' 
3 4 'Structure model' 'Database references'       
4 4 'Structure model' 'Derived calculations'      
5 5 'Structure model' 'Data collection'           
# 
loop_
_pdbx_audit_revision_category.ordinal 
_pdbx_audit_revision_category.revision_ordinal 
_pdbx_audit_revision_category.data_content_type 
_pdbx_audit_revision_category.category 
1 4 'Structure model' database_2            
2 4 'Structure model' pdbx_struct_assembly  
3 4 'Structure model' pdbx_struct_oper_list 
4 4 'Structure model' struct_conn           
5 4 'Structure model' struct_site           
6 5 'Structure model' chem_comp_atom        
7 5 'Structure model' chem_comp_bond        
# 
loop_
_pdbx_audit_revision_item.ordinal 
_pdbx_audit_revision_item.revision_ordinal 
_pdbx_audit_revision_item.data_content_type 
_pdbx_audit_revision_item.item 
1 4 'Structure model' '_database_2.pdbx_DOI'                
2 4 'Structure model' '_database_2.pdbx_database_accession' 
3 4 'Structure model' '_struct_conn.pdbx_leaving_atom_flag' 
4 4 'Structure model' '_struct_site.pdbx_auth_asym_id'      
5 4 'Structure model' '_struct_site.pdbx_auth_comp_id'      
6 4 'Structure model' '_struct_site.pdbx_auth_seq_id'       
# 
_pdbx_database_status.status_code                     REL 
_pdbx_database_status.entry_id                        1GJ1 
_pdbx_database_status.recvd_initial_deposition_date   2002-10-14 
_pdbx_database_status.deposit_site                    RCSB 
_pdbx_database_status.process_site                    RCSB 
_pdbx_database_status.SG_entry                        . 
_pdbx_database_status.pdb_format_compatible           Y 
_pdbx_database_status.status_code_mr                  ? 
_pdbx_database_status.status_code_sf                  ? 
_pdbx_database_status.status_code_cs                  ? 
_pdbx_database_status.status_code_nmr_data            ? 
_pdbx_database_status.methods_development_category    ? 
# 
loop_
_pdbx_database_related.db_name 
_pdbx_database_related.db_id 
_pdbx_database_related.details 
_pdbx_database_related.content_type 
PDB 1N0O 'ensemble model OF PDB ENTRY 1N0K' unspecified 
PDB 1N0K 'MINIMIZED AVERAGE STRUCTURE OF PDB ENTRY 1N0O' unspecified 
PDB 1G5K 
'ENSEMBLE: 1G5K is the structure of the oligonucleotide containing the phosphoglycolate lesion without the bleomycin bound.' 
unspecified 
# 
loop_
_audit_author.name 
_audit_author.pdbx_ordinal 
'Junker, H.-D.' 1 
'Hoehn, S.T.'   2 
'Bunt, R.C.'    3 
'Marathius, V.' 4 
'Chen, J.'      5 
'Turner, C.J.'  6 
'Stubbe, J.'    7 
# 
_citation.id                        primary 
_citation.title                     
;Synthesis, Characterization and Solution Structure of Tethered Oligonucleotides Containing an Internal 3'-Phosphoglycolate, 5'-Phosphate Gapped Lesion
;
_citation.journal_abbrev            'Nucleic Acids Res.' 
_citation.journal_volume            30 
_citation.page_first                5497 
_citation.page_last                 5508 
_citation.year                      2002 
_citation.journal_id_ASTM           NARHAD 
_citation.country                   UK 
_citation.journal_id_ISSN           0305-1048 
_citation.journal_id_CSD            0389 
_citation.book_publisher            ? 
_citation.pdbx_database_id_PubMed   12490718 
_citation.pdbx_database_id_DOI      10.1093/nar/gkf681 
# 
loop_
_citation_author.citation_id 
_citation_author.name 
_citation_author.ordinal 
_citation_author.identifier_ORCID 
primary 'Junker, H.-D.' 1 ? 
primary 'Hoehn, S.T.'   2 ? 
primary 'Bunt, R.C.'    3 ? 
primary 'Marathius, V.' 4 ? 
primary 'Chen, J.'      5 ? 
primary 'Turner, C.J.'  6 ? 
primary 'Stubbe, J.'    7 ? 
# 
loop_
_entity.id 
_entity.type 
_entity.src_method 
_entity.pdbx_description 
_entity.formula_weight 
_entity.pdbx_number_of_molecules 
_entity.pdbx_ec 
_entity.pdbx_mutation 
_entity.pdbx_fragment 
_entity.details 
1 polymer     syn "5'-D(*CP*CP*AP*AP*AP*G)-3'"                      1802.232 1 ? ? ? ? 
2 polymer     syn "5'-D(P*AP*CP*TP*GP*GP*G)-3'"                     1849.241 1 ? ? ? ? 
3 polymer     syn "5'-D(*CP*CP*CP*AP*GP*TP*AP*CP*TP*TP*TP*GP*G)-3'" 3942.572 1 ? ? ? ? 
4 non-polymer man '2-PHOSPHOGLYCOLIC ACID'                          156.031  1 ? ? ? ? 
# 
loop_
_entity_poly.entity_id 
_entity_poly.type 
_entity_poly.nstd_linkage 
_entity_poly.nstd_monomer 
_entity_poly.pdbx_seq_one_letter_code 
_entity_poly.pdbx_seq_one_letter_code_can 
_entity_poly.pdbx_strand_id 
_entity_poly.pdbx_target_identifier 
1 polydeoxyribonucleotide no no '(DC)(DC)(DA)(DA)(DA)(DG)'                             CCAAAG        A ? 
2 polydeoxyribonucleotide no no '(DA)(DC)(DT)(DG)(DG)(DG)'                             ACTGGG        B ? 
3 polydeoxyribonucleotide no no '(DC)(DC)(DC)(DA)(DG)(DT)(DA)(DC)(DT)(DT)(DT)(DG)(DG)' CCCAGTACTTTGG C ? 
# 
_pdbx_entity_nonpoly.entity_id   4 
_pdbx_entity_nonpoly.name        '2-PHOSPHOGLYCOLIC ACID' 
_pdbx_entity_nonpoly.comp_id     PGA 
# 
loop_
_entity_poly_seq.entity_id 
_entity_poly_seq.num 
_entity_poly_seq.mon_id 
_entity_poly_seq.hetero 
1 1  DC n 
1 2  DC n 
1 3  DA n 
1 4  DA n 
1 5  DA n 
1 6  DG n 
2 1  DA n 
2 2  DC n 
2 3  DT n 
2 4  DG n 
2 5  DG n 
2 6  DG n 
3 1  DC n 
3 2  DC n 
3 3  DC n 
3 4  DA n 
3 5  DG n 
3 6  DT n 
3 7  DA n 
3 8  DC n 
3 9  DT n 
3 10 DT n 
3 11 DT n 
3 12 DG n 
3 13 DG n 
# 
loop_
_chem_comp.id 
_chem_comp.type 
_chem_comp.mon_nstd_flag 
_chem_comp.name 
_chem_comp.pdbx_synonyms 
_chem_comp.formula 
_chem_comp.formula_weight 
DA  'DNA linking' y "2'-DEOXYADENOSINE-5'-MONOPHOSPHATE" ? 'C10 H14 N5 O6 P' 331.222 
DC  'DNA linking' y "2'-DEOXYCYTIDINE-5'-MONOPHOSPHATE"  ? 'C9 H14 N3 O7 P'  307.197 
DG  'DNA linking' y "2'-DEOXYGUANOSINE-5'-MONOPHOSPHATE" ? 'C10 H14 N5 O7 P' 347.221 
DT  'DNA linking' y "THYMIDINE-5'-MONOPHOSPHATE"         ? 'C10 H15 N2 O8 P' 322.208 
PGA non-polymer   . '2-PHOSPHOGLYCOLIC ACID'             ? 'C2 H5 O6 P'      156.031 
# 
loop_
_pdbx_poly_seq_scheme.asym_id 
_pdbx_poly_seq_scheme.entity_id 
_pdbx_poly_seq_scheme.seq_id 
_pdbx_poly_seq_scheme.mon_id 
_pdbx_poly_seq_scheme.ndb_seq_num 
_pdbx_poly_seq_scheme.pdb_seq_num 
_pdbx_poly_seq_scheme.auth_seq_num 
_pdbx_poly_seq_scheme.pdb_mon_id 
_pdbx_poly_seq_scheme.auth_mon_id 
_pdbx_poly_seq_scheme.pdb_strand_id 
_pdbx_poly_seq_scheme.pdb_ins_code 
_pdbx_poly_seq_scheme.hetero 
A 1 1  DC 1  1  1  DC C A . n 
A 1 2  DC 2  2  2  DC C A . n 
A 1 3  DA 3  3  3  DA A A . n 
A 1 4  DA 4  4  4  DA A A . n 
A 1 5  DA 5  5  5  DA A A . n 
A 1 6  DG 6  6  6  DG G A . n 
B 2 1  DA 1  8  7  DA T B . n 
B 2 2  DC 2  9  9  DC C B . n 
B 2 3  DT 3  10 10 DT T B . n 
B 2 4  DG 4  11 11 DG G B . n 
B 2 5  DG 5  12 12 DG G B . n 
B 2 6  DG 6  13 13 DG G B . n 
C 3 1  DC 1  14 14 DC C C . n 
C 3 2  DC 2  15 15 DC C C . n 
C 3 3  DC 3  16 16 DC C C . n 
C 3 4  DA 4  17 17 DA A C . n 
C 3 5  DG 5  18 18 DG G C . n 
C 3 6  DT 6  19 19 DT T C . n 
C 3 7  DA 7  20 20 DA A C . n 
C 3 8  DC 8  21 21 DC C C . n 
C 3 9  DT 9  22 22 DT T C . n 
C 3 10 DT 10 23 23 DT T C . n 
C 3 11 DT 11 24 24 DT T C . n 
C 3 12 DG 12 25 25 DG G C . n 
C 3 13 DG 13 26 26 DG G C . n 
# 
_pdbx_nonpoly_scheme.asym_id         D 
_pdbx_nonpoly_scheme.entity_id       4 
_pdbx_nonpoly_scheme.mon_id          PGA 
_pdbx_nonpoly_scheme.ndb_seq_num     1 
_pdbx_nonpoly_scheme.pdb_seq_num     7 
_pdbx_nonpoly_scheme.auth_seq_num    7 
_pdbx_nonpoly_scheme.pdb_mon_id      PGA 
_pdbx_nonpoly_scheme.auth_mon_id     T 
_pdbx_nonpoly_scheme.pdb_strand_id   A 
_pdbx_nonpoly_scheme.pdb_ins_code    . 
# 
_exptl.entry_id          1GJ1 
_exptl.method            'SOLUTION NMR' 
_exptl.crystals_number   ? 
# 
_exptl_crystal.id                    1 
_exptl_crystal.density_meas          ? 
_exptl_crystal.density_Matthews      ? 
_exptl_crystal.density_percent_sol   ? 
_exptl_crystal.description           ? 
# 
_diffrn.id                     1 
_diffrn.ambient_temp           ? 
_diffrn.ambient_temp_details   ? 
_diffrn.crystal_id             1 
# 
_diffrn_radiation.diffrn_id                        1 
_diffrn_radiation.wavelength_id                    1 
_diffrn_radiation.pdbx_monochromatic_or_laue_m_l   M 
_diffrn_radiation.monochromator                    ? 
_diffrn_radiation.pdbx_diffrn_protocol             'SINGLE WAVELENGTH' 
_diffrn_radiation.pdbx_scattering_type             ? 
# 
_diffrn_radiation_wavelength.id           1 
_diffrn_radiation_wavelength.wavelength   . 
_diffrn_radiation_wavelength.wt           1.0 
# 
_struct.entry_id                  1GJ1 
_struct.title                     
;NMR structure of d(CCAAAGXACTGGG), X is a 3'phosphoglycolate, 5'phosphate gapped lesion
;
_struct.pdbx_model_details        ? 
_struct.pdbx_CASP_flag            ? 
_struct.pdbx_model_type_details   'minimized average' 
# 
_struct_keywords.entry_id        1GJ1 
_struct_keywords.pdbx_keywords   DNA 
_struct_keywords.text            'DNA, bleomycin, phosphoglycolate' 
# 
loop_
_struct_asym.id 
_struct_asym.pdbx_blank_PDB_chainid_flag 
_struct_asym.pdbx_modified 
_struct_asym.entity_id 
_struct_asym.details 
A N N 1 ? 
B N N 2 ? 
C N N 3 ? 
D N N 4 ? 
# 
loop_
_struct_ref.id 
_struct_ref.entity_id 
_struct_ref.db_name 
_struct_ref.db_code 
_struct_ref.pdbx_db_accession 
_struct_ref.pdbx_db_isoform 
_struct_ref.pdbx_seq_one_letter_code 
_struct_ref.pdbx_align_begin 
1 1 PDB 1GJ1 1GJ1 ? ? ? 
2 2 PDB 1GJ1 1GJ1 ? ? ? 
3 3 PDB 1GJ1 1GJ1 ? ? ? 
# 
loop_
_struct_ref_seq.align_id 
_struct_ref_seq.ref_id 
_struct_ref_seq.pdbx_PDB_id_code 
_struct_ref_seq.pdbx_strand_id 
_struct_ref_seq.seq_align_beg 
_struct_ref_seq.pdbx_seq_align_beg_ins_code 
_struct_ref_seq.seq_align_end 
_struct_ref_seq.pdbx_seq_align_end_ins_code 
_struct_ref_seq.pdbx_db_accession 
_struct_ref_seq.db_align_beg 
_struct_ref_seq.pdbx_db_align_beg_ins_code 
_struct_ref_seq.db_align_end 
_struct_ref_seq.pdbx_db_align_end_ins_code 
_struct_ref_seq.pdbx_auth_seq_align_beg 
_struct_ref_seq.pdbx_auth_seq_align_end 
1 1 1GJ1 A 1 ? 6  ? 1GJ1 1  ? 6  ? 1  6  
2 2 1GJ1 B 1 ? 6  ? 1GJ1 8  ? 13 ? 8  13 
3 3 1GJ1 C 1 ? 13 ? 1GJ1 14 ? 26 ? 14 26 
# 
_pdbx_struct_assembly.id                   1 
_pdbx_struct_assembly.details              author_defined_assembly 
_pdbx_struct_assembly.method_details       ? 
_pdbx_struct_assembly.oligomeric_details   trimeric 
_pdbx_struct_assembly.oligomeric_count     3 
# 
_pdbx_struct_assembly_gen.assembly_id       1 
_pdbx_struct_assembly_gen.oper_expression   1 
_pdbx_struct_assembly_gen.asym_id_list      A,B,C,D 
# 
_pdbx_struct_oper_list.id                   1 
_pdbx_struct_oper_list.type                 'identity operation' 
_pdbx_struct_oper_list.name                 1_555 
_pdbx_struct_oper_list.symmetry_operation   x,y,z 
_pdbx_struct_oper_list.matrix[1][1]         1.0000000000 
_pdbx_struct_oper_list.matrix[1][2]         0.0000000000 
_pdbx_struct_oper_list.matrix[1][3]         0.0000000000 
_pdbx_struct_oper_list.vector[1]            0.0000000000 
_pdbx_struct_oper_list.matrix[2][1]         0.0000000000 
_pdbx_struct_oper_list.matrix[2][2]         1.0000000000 
_pdbx_struct_oper_list.matrix[2][3]         0.0000000000 
_pdbx_struct_oper_list.vector[2]            0.0000000000 
_pdbx_struct_oper_list.matrix[3][1]         0.0000000000 
_pdbx_struct_oper_list.matrix[3][2]         0.0000000000 
_pdbx_struct_oper_list.matrix[3][3]         1.0000000000 
_pdbx_struct_oper_list.vector[3]            0.0000000000 
# 
_struct_biol.id   1 
# 
loop_
_struct_conn.id 
_struct_conn.conn_type_id 
_struct_conn.pdbx_leaving_atom_flag 
_struct_conn.pdbx_PDB_id 
_struct_conn.ptnr1_label_asym_id 
_struct_conn.ptnr1_label_comp_id 
_struct_conn.ptnr1_label_seq_id 
_struct_conn.ptnr1_label_atom_id 
_struct_conn.pdbx_ptnr1_label_alt_id 
_struct_conn.pdbx_ptnr1_PDB_ins_code 
_struct_conn.pdbx_ptnr1_standard_comp_id 
_struct_conn.ptnr1_symmetry 
_struct_conn.ptnr2_label_asym_id 
_struct_conn.ptnr2_label_comp_id 
_struct_conn.ptnr2_label_seq_id 
_struct_conn.ptnr2_label_atom_id 
_struct_conn.pdbx_ptnr2_label_alt_id 
_struct_conn.pdbx_ptnr2_PDB_ins_code 
_struct_conn.ptnr1_auth_asym_id 
_struct_conn.ptnr1_auth_comp_id 
_struct_conn.ptnr1_auth_seq_id 
_struct_conn.ptnr2_auth_asym_id 
_struct_conn.ptnr2_auth_comp_id 
_struct_conn.ptnr2_auth_seq_id 
_struct_conn.ptnr2_symmetry 
_struct_conn.pdbx_ptnr3_label_atom_id 
_struct_conn.pdbx_ptnr3_label_seq_id 
_struct_conn.pdbx_ptnr3_label_comp_id 
_struct_conn.pdbx_ptnr3_label_asym_id 
_struct_conn.pdbx_ptnr3_label_alt_id 
_struct_conn.pdbx_ptnr3_PDB_ins_code 
_struct_conn.details 
_struct_conn.pdbx_dist_value 
_struct_conn.pdbx_value_order 
_struct_conn.pdbx_role 
covale1  covale one ? A DG 6 "O3'" ? ? ? 1_555 D PGA .  P  ? ? A DG 6  A PGA 7  1_555 ? ? ? ? ? ? ?            1.584 ? ? 
hydrog1  hydrog ?   ? A DC 1 N4    ? ? ? 1_555 C DG  12 O6 ? ? A DC 1  C DG  25 1_555 ? ? ? ? ? ? 'DC-DG PAIR' ?     ? ? 
hydrog2  hydrog ?   ? A DC 1 N3    ? ? ? 1_555 C DG  13 N1 ? ? A DC 1  C DG  26 1_555 ? ? ? ? ? ? WATSON-CRICK ?     ? ? 
hydrog3  hydrog ?   ? A DC 1 N4    ? ? ? 1_555 C DG  13 O6 ? ? A DC 1  C DG  26 1_555 ? ? ? ? ? ? WATSON-CRICK ?     ? ? 
hydrog4  hydrog ?   ? A DC 1 O2    ? ? ? 1_555 C DG  13 N2 ? ? A DC 1  C DG  26 1_555 ? ? ? ? ? ? WATSON-CRICK ?     ? ? 
hydrog5  hydrog ?   ? A DC 2 N3    ? ? ? 1_555 C DG  12 N1 ? ? A DC 2  C DG  25 1_555 ? ? ? ? ? ? WATSON-CRICK ?     ? ? 
hydrog6  hydrog ?   ? A DC 2 N4    ? ? ? 1_555 C DG  12 O6 ? ? A DC 2  C DG  25 1_555 ? ? ? ? ? ? WATSON-CRICK ?     ? ? 
hydrog7  hydrog ?   ? A DC 2 O2    ? ? ? 1_555 C DG  12 N2 ? ? A DC 2  C DG  25 1_555 ? ? ? ? ? ? WATSON-CRICK ?     ? ? 
hydrog8  hydrog ?   ? A DA 3 N1    ? ? ? 1_555 C DT  11 N3 ? ? A DA 3  C DT  24 1_555 ? ? ? ? ? ? WATSON-CRICK ?     ? ? 
hydrog9  hydrog ?   ? A DA 3 N6    ? ? ? 1_555 C DT  11 O4 ? ? A DA 3  C DT  24 1_555 ? ? ? ? ? ? WATSON-CRICK ?     ? ? 
hydrog10 hydrog ?   ? A DA 4 N6    ? ? ? 1_555 C DT  9  O4 ? ? A DA 4  C DT  22 1_555 ? ? ? ? ? ? 'DA-DT PAIR' ?     ? ? 
hydrog11 hydrog ?   ? A DA 4 N1    ? ? ? 1_555 C DT  10 N3 ? ? A DA 4  C DT  23 1_555 ? ? ? ? ? ? WATSON-CRICK ?     ? ? 
hydrog12 hydrog ?   ? A DA 4 N6    ? ? ? 1_555 C DT  10 O4 ? ? A DA 4  C DT  23 1_555 ? ? ? ? ? ? WATSON-CRICK ?     ? ? 
hydrog13 hydrog ?   ? A DA 5 N1    ? ? ? 1_555 C DT  9  N3 ? ? A DA 5  C DT  22 1_555 ? ? ? ? ? ? WATSON-CRICK ?     ? ? 
hydrog14 hydrog ?   ? A DA 5 N6    ? ? ? 1_555 C DT  9  O4 ? ? A DA 5  C DT  22 1_555 ? ? ? ? ? ? WATSON-CRICK ?     ? ? 
hydrog15 hydrog ?   ? A DG 6 N1    ? ? ? 1_555 C DC  8  N3 ? ? A DG 6  C DC  21 1_555 ? ? ? ? ? ? WATSON-CRICK ?     ? ? 
hydrog16 hydrog ?   ? A DG 6 N2    ? ? ? 1_555 C DC  8  O2 ? ? A DG 6  C DC  21 1_555 ? ? ? ? ? ? WATSON-CRICK ?     ? ? 
hydrog17 hydrog ?   ? A DG 6 O6    ? ? ? 1_555 C DC  8  N4 ? ? A DG 6  C DC  21 1_555 ? ? ? ? ? ? WATSON-CRICK ?     ? ? 
hydrog18 hydrog ?   ? B DA 1 N1    ? ? ? 1_555 C DT  6  N3 ? ? B DA 8  C DT  19 1_555 ? ? ? ? ? ? WATSON-CRICK ?     ? ? 
hydrog19 hydrog ?   ? B DA 1 N6    ? ? ? 1_555 C DT  6  O4 ? ? B DA 8  C DT  19 1_555 ? ? ? ? ? ? WATSON-CRICK ?     ? ? 
hydrog20 hydrog ?   ? B DC 2 N3    ? ? ? 1_555 C DG  5  N1 ? ? B DC 9  C DG  18 1_555 ? ? ? ? ? ? WATSON-CRICK ?     ? ? 
hydrog21 hydrog ?   ? B DC 2 N4    ? ? ? 1_555 C DG  5  O6 ? ? B DC 9  C DG  18 1_555 ? ? ? ? ? ? WATSON-CRICK ?     ? ? 
hydrog22 hydrog ?   ? B DC 2 O2    ? ? ? 1_555 C DG  5  N2 ? ? B DC 9  C DG  18 1_555 ? ? ? ? ? ? WATSON-CRICK ?     ? ? 
hydrog23 hydrog ?   ? B DT 3 N3    ? ? ? 1_555 C DA  4  N1 ? ? B DT 10 C DA  17 1_555 ? ? ? ? ? ? WATSON-CRICK ?     ? ? 
hydrog24 hydrog ?   ? B DT 3 O4    ? ? ? 1_555 C DA  4  N6 ? ? B DT 10 C DA  17 1_555 ? ? ? ? ? ? WATSON-CRICK ?     ? ? 
hydrog25 hydrog ?   ? B DG 4 O6    ? ? ? 1_555 C DC  2  N4 ? ? B DG 11 C DC  15 1_555 ? ? ? ? ? ? 'DG-DC PAIR' ?     ? ? 
hydrog26 hydrog ?   ? B DG 4 N1    ? ? ? 1_555 C DC  3  N3 ? ? B DG 11 C DC  16 1_555 ? ? ? ? ? ? WATSON-CRICK ?     ? ? 
hydrog27 hydrog ?   ? B DG 4 N2    ? ? ? 1_555 C DC  3  O2 ? ? B DG 11 C DC  16 1_555 ? ? ? ? ? ? WATSON-CRICK ?     ? ? 
hydrog28 hydrog ?   ? B DG 4 O6    ? ? ? 1_555 C DC  3  N4 ? ? B DG 11 C DC  16 1_555 ? ? ? ? ? ? WATSON-CRICK ?     ? ? 
hydrog29 hydrog ?   ? B DG 5 O6    ? ? ? 1_555 C DC  1  N4 ? ? B DG 12 C DC  14 1_555 ? ? ? ? ? ? 'DG-DC PAIR' ?     ? ? 
hydrog30 hydrog ?   ? B DG 5 N1    ? ? ? 1_555 C DC  2  N3 ? ? B DG 12 C DC  15 1_555 ? ? ? ? ? ? WATSON-CRICK ?     ? ? 
hydrog31 hydrog ?   ? B DG 5 N2    ? ? ? 1_555 C DC  2  O2 ? ? B DG 12 C DC  15 1_555 ? ? ? ? ? ? WATSON-CRICK ?     ? ? 
hydrog32 hydrog ?   ? B DG 5 O6    ? ? ? 1_555 C DC  2  N4 ? ? B DG 12 C DC  15 1_555 ? ? ? ? ? ? WATSON-CRICK ?     ? ? 
hydrog33 hydrog ?   ? B DG 6 N1    ? ? ? 1_555 C DC  1  N3 ? ? B DG 13 C DC  14 1_555 ? ? ? ? ? ? WATSON-CRICK ?     ? ? 
hydrog34 hydrog ?   ? B DG 6 N2    ? ? ? 1_555 C DC  1  O2 ? ? B DG 13 C DC  14 1_555 ? ? ? ? ? ? WATSON-CRICK ?     ? ? 
hydrog35 hydrog ?   ? B DG 6 O6    ? ? ? 1_555 C DC  1  N4 ? ? B DG 13 C DC  14 1_555 ? ? ? ? ? ? WATSON-CRICK ?     ? ? 
# 
loop_
_struct_conn_type.id 
_struct_conn_type.criteria 
_struct_conn_type.reference 
covale ? ? 
hydrog ? ? 
# 
_struct_site.id                   AC1 
_struct_site.pdbx_evidence_code   Software 
_struct_site.pdbx_auth_asym_id    A 
_struct_site.pdbx_auth_comp_id    PGA 
_struct_site.pdbx_auth_seq_id     7 
_struct_site.pdbx_auth_ins_code   ? 
_struct_site.pdbx_num_residues    1 
_struct_site.details              'BINDING SITE FOR RESIDUE PGA A 7' 
# 
_struct_site_gen.id                   1 
_struct_site_gen.site_id              AC1 
_struct_site_gen.pdbx_num_res         1 
_struct_site_gen.label_comp_id        DG 
_struct_site_gen.label_asym_id        A 
_struct_site_gen.label_seq_id         6 
_struct_site_gen.pdbx_auth_ins_code   ? 
_struct_site_gen.auth_comp_id         DG 
_struct_site_gen.auth_asym_id         A 
_struct_site_gen.auth_seq_id          6 
_struct_site_gen.label_atom_id        . 
_struct_site_gen.label_alt_id         ? 
_struct_site_gen.symmetry             1_555 
_struct_site_gen.details              ? 
# 
loop_
_pdbx_validate_rmsd_bond.id 
_pdbx_validate_rmsd_bond.PDB_model_num 
_pdbx_validate_rmsd_bond.auth_atom_id_1 
_pdbx_validate_rmsd_bond.auth_asym_id_1 
_pdbx_validate_rmsd_bond.auth_comp_id_1 
_pdbx_validate_rmsd_bond.auth_seq_id_1 
_pdbx_validate_rmsd_bond.PDB_ins_code_1 
_pdbx_validate_rmsd_bond.label_alt_id_1 
_pdbx_validate_rmsd_bond.auth_atom_id_2 
_pdbx_validate_rmsd_bond.auth_asym_id_2 
_pdbx_validate_rmsd_bond.auth_comp_id_2 
_pdbx_validate_rmsd_bond.auth_seq_id_2 
_pdbx_validate_rmsd_bond.PDB_ins_code_2 
_pdbx_validate_rmsd_bond.label_alt_id_2 
_pdbx_validate_rmsd_bond.bond_value 
_pdbx_validate_rmsd_bond.bond_target_value 
_pdbx_validate_rmsd_bond.bond_deviation 
_pdbx_validate_rmsd_bond.bond_standard_deviation 
_pdbx_validate_rmsd_bond.linker_flag 
1 1 P     B DA 8  ? ? OP3   B DA 8  ? ? 1.479 1.607 -0.128 0.012 N 
2 1 N1    B DT 10 ? ? C2    B DT 10 ? ? 1.430 1.376 0.054  0.008 N 
3 1 "C5'" B DG 11 ? ? "C4'" B DG 11 ? ? 1.554 1.512 0.042  0.007 N 
4 1 N1    C DT 19 ? ? C2    C DT 19 ? ? 1.429 1.376 0.053  0.008 N 
5 1 "C5'" C DT 23 ? ? "C4'" C DT 23 ? ? 1.558 1.512 0.046  0.007 N 
6 1 "C5'" C DT 24 ? ? "C4'" C DT 24 ? ? 1.561 1.512 0.049  0.007 N 
# 
loop_
_pdbx_validate_rmsd_angle.id 
_pdbx_validate_rmsd_angle.PDB_model_num 
_pdbx_validate_rmsd_angle.auth_atom_id_1 
_pdbx_validate_rmsd_angle.auth_asym_id_1 
_pdbx_validate_rmsd_angle.auth_comp_id_1 
_pdbx_validate_rmsd_angle.auth_seq_id_1 
_pdbx_validate_rmsd_angle.PDB_ins_code_1 
_pdbx_validate_rmsd_angle.label_alt_id_1 
_pdbx_validate_rmsd_angle.auth_atom_id_2 
_pdbx_validate_rmsd_angle.auth_asym_id_2 
_pdbx_validate_rmsd_angle.auth_comp_id_2 
_pdbx_validate_rmsd_angle.auth_seq_id_2 
_pdbx_validate_rmsd_angle.PDB_ins_code_2 
_pdbx_validate_rmsd_angle.label_alt_id_2 
_pdbx_validate_rmsd_angle.auth_atom_id_3 
_pdbx_validate_rmsd_angle.auth_asym_id_3 
_pdbx_validate_rmsd_angle.auth_comp_id_3 
_pdbx_validate_rmsd_angle.auth_seq_id_3 
_pdbx_validate_rmsd_angle.PDB_ins_code_3 
_pdbx_validate_rmsd_angle.label_alt_id_3 
_pdbx_validate_rmsd_angle.angle_value 
_pdbx_validate_rmsd_angle.angle_target_value 
_pdbx_validate_rmsd_angle.angle_deviation 
_pdbx_validate_rmsd_angle.angle_standard_deviation 
_pdbx_validate_rmsd_angle.linker_flag 
1  1 "C3'" A DC 1  ? ? "C2'" A DC 1  ? ? "C1'" A DC 1  ? ? 97.40  102.40 -5.00 0.80 N 
2  1 "O4'" A DC 1  ? ? "C1'" A DC 1  ? ? N1    A DC 1  ? ? 112.00 108.30 3.70  0.30 N 
3  1 N1    A DC 1  ? ? C2    A DC 1  ? ? O2    A DC 1  ? ? 122.87 118.90 3.97  0.60 N 
4  1 "C3'" A DC 2  ? ? "O3'" A DC 2  ? ? P     A DA 3  ? ? 127.57 119.70 7.87  1.20 Y 
5  1 N1    A DA 3  ? ? C6    A DA 3  ? ? N6    A DA 3  ? ? 123.62 118.60 5.02  0.60 N 
6  1 "C3'" A DA 3  ? ? "O3'" A DA 3  ? ? P     A DA 4  ? ? 129.35 119.70 9.65  1.20 Y 
7  1 N1    A DA 5  ? ? C6    A DA 5  ? ? N6    A DA 5  ? ? 123.31 118.60 4.71  0.60 N 
8  1 N1    B DA 8  ? ? C6    B DA 8  ? ? N6    B DA 8  ? ? 122.87 118.60 4.27  0.60 N 
9  1 N1    B DC 9  ? ? C2    B DC 9  ? ? O2    B DC 9  ? ? 122.74 118.90 3.84  0.60 N 
10 1 "C3'" B DT 10 ? ? "O3'" B DT 10 ? ? P     B DG 11 ? ? 130.61 119.70 10.91 1.20 Y 
11 1 N3    B DG 11 ? ? C2    B DG 11 ? ? N2    B DG 11 ? ? 126.36 119.90 6.46  0.70 N 
12 1 N3    B DG 12 ? ? C2    B DG 12 ? ? N2    B DG 12 ? ? 124.86 119.90 4.96  0.70 N 
13 1 N3    B DG 13 ? ? C2    B DG 13 ? ? N2    B DG 13 ? ? 125.23 119.90 5.33  0.70 N 
14 1 "O4'" C DC 14 ? ? "C1'" C DC 14 ? ? N1    C DC 14 ? ? 110.20 108.30 1.90  0.30 N 
15 1 N1    C DC 16 ? ? C2    C DC 16 ? ? O2    C DC 16 ? ? 122.56 118.90 3.66  0.60 N 
16 1 "C3'" C DC 16 ? ? "O3'" C DC 16 ? ? P     C DA 17 ? ? 127.87 119.70 8.17  1.20 Y 
17 1 "C3'" C DA 17 ? ? "O3'" C DA 17 ? ? P     C DG 18 ? ? 127.30 119.70 7.60  1.20 Y 
18 1 N3    C DG 18 ? ? C2    C DG 18 ? ? N2    C DG 18 ? ? 124.82 119.90 4.92  0.70 N 
19 1 "O4'" C DT 19 ? ? "C1'" C DT 19 ? ? "C2'" C DT 19 ? ? 101.04 105.90 -4.86 0.80 N 
20 1 "C3'" C DT 19 ? ? "O3'" C DT 19 ? ? P     C DA 20 ? ? 128.77 119.70 9.07  1.20 Y 
21 1 "O4'" C DT 22 ? ? "C1'" C DT 22 ? ? N1    C DT 22 ? ? 110.19 108.30 1.89  0.30 N 
22 1 C4    C DT 23 ? ? C5    C DT 23 ? ? C7    C DT 23 ? ? 122.61 119.00 3.61  0.60 N 
23 1 C6    C DT 23 ? ? C5    C DT 23 ? ? C7    C DT 23 ? ? 118.18 122.90 -4.72 0.60 N 
24 1 N3    C DG 25 ? ? C2    C DG 25 ? ? N2    C DG 25 ? ? 124.99 119.90 5.09  0.70 N 
25 1 "C3'" C DG 25 ? ? "O3'" C DG 25 ? ? P     C DG 26 ? ? 129.36 119.70 9.66  1.20 Y 
26 1 N3    C DG 26 ? ? C2    C DG 26 ? ? N2    C DG 26 ? ? 125.28 119.90 5.38  0.70 N 
# 
loop_
_pdbx_validate_planes.id 
_pdbx_validate_planes.PDB_model_num 
_pdbx_validate_planes.auth_comp_id 
_pdbx_validate_planes.auth_asym_id 
_pdbx_validate_planes.auth_seq_id 
_pdbx_validate_planes.PDB_ins_code 
_pdbx_validate_planes.label_alt_id 
_pdbx_validate_planes.rmsd 
_pdbx_validate_planes.type 
1  1 DC A 2  ? ? 0.063 'SIDE CHAIN' 
2  1 DA A 3  ? ? 0.056 'SIDE CHAIN' 
3  1 DA A 4  ? ? 0.078 'SIDE CHAIN' 
4  1 DC B 9  ? ? 0.078 'SIDE CHAIN' 
5  1 DG B 11 ? ? 0.072 'SIDE CHAIN' 
6  1 DG B 12 ? ? 0.126 'SIDE CHAIN' 
7  1 DC C 15 ? ? 0.088 'SIDE CHAIN' 
8  1 DC C 16 ? ? 0.061 'SIDE CHAIN' 
9  1 DG C 18 ? ? 0.097 'SIDE CHAIN' 
10 1 DT C 19 ? ? 0.077 'SIDE CHAIN' 
11 1 DT C 22 ? ? 0.072 'SIDE CHAIN' 
12 1 DT C 23 ? ? 0.101 'SIDE CHAIN' 
13 1 DT C 24 ? ? 0.066 'SIDE CHAIN' 
14 1 DG C 25 ? ? 0.059 'SIDE CHAIN' 
15 1 DG C 26 ? ? 0.082 'SIDE CHAIN' 
# 
_pdbx_nmr_ensemble.entry_id                                      1GJ1 
_pdbx_nmr_ensemble.conformers_calculated_total_number            10 
_pdbx_nmr_ensemble.conformers_submitted_total_number             1 
_pdbx_nmr_ensemble.conformer_selection_criteria                  'MINIMUM RMSD AND NMR CONSTRAINTS VIOLATION' 
_pdbx_nmr_ensemble.average_constraints_per_residue               ? 
_pdbx_nmr_ensemble.average_constraint_violations_per_residue     ? 
_pdbx_nmr_ensemble.maximum_distance_constraint_violation         ? 
_pdbx_nmr_ensemble.average_distance_constraint_violation         ? 
_pdbx_nmr_ensemble.maximum_upper_distance_constraint_violation   ? 
_pdbx_nmr_ensemble.maximum_lower_distance_constraint_violation   ? 
_pdbx_nmr_ensemble.distance_constraint_violation_method          ? 
_pdbx_nmr_ensemble.maximum_torsion_angle_constraint_violation    ? 
_pdbx_nmr_ensemble.average_torsion_angle_constraint_violation    ? 
_pdbx_nmr_ensemble.torsion_angle_constraint_violation_method     ? 
# 
_pdbx_nmr_representative.entry_id             1GJ1 
_pdbx_nmr_representative.conformer_id         ? 
_pdbx_nmr_representative.selection_criteria   'minimized average structure' 
# 
_pdbx_nmr_sample_details.solution_id      1 
_pdbx_nmr_sample_details.contents         '1.4 mM oligonucleotide' 
_pdbx_nmr_sample_details.solvent_system   ? 
# 
_pdbx_nmr_exptl_sample_conditions.conditions_id       1 
_pdbx_nmr_exptl_sample_conditions.temperature         293.15 
_pdbx_nmr_exptl_sample_conditions.pressure            1.0 
_pdbx_nmr_exptl_sample_conditions.pH                  6.9 
_pdbx_nmr_exptl_sample_conditions.ionic_strength      '40 mM NaH2PO4' 
_pdbx_nmr_exptl_sample_conditions.pressure_units      atm 
_pdbx_nmr_exptl_sample_conditions.temperature_units   K 
# 
loop_
_pdbx_nmr_exptl.experiment_id 
_pdbx_nmr_exptl.solution_id 
_pdbx_nmr_exptl.conditions_id 
_pdbx_nmr_exptl.type 
1 1 1 PECOSY  
2 1 1 TOCSY   
3 1 1 NOESY   
4 1 1 HSQC    
5 1 1 GE-HSQC 
# 
_pdbx_nmr_refine.entry_id           1GJ1 
_pdbx_nmr_refine.method             'CONJUGATE GRADIENT MINIMIZATION' 
_pdbx_nmr_refine.details            ? 
_pdbx_nmr_refine.software_ordinal   1 
# 
loop_
_pdbx_nmr_software.name 
_pdbx_nmr_software.version 
_pdbx_nmr_software.classification 
_pdbx_nmr_software.authors 
_pdbx_nmr_software.ordinal 
X-PLOR 3.851 refinement           Brunger 1 
X-PLOR 3.851 'structure solution' Brunger 2 
# 
loop_
_chem_comp_atom.comp_id 
_chem_comp_atom.atom_id 
_chem_comp_atom.type_symbol 
_chem_comp_atom.pdbx_aromatic_flag 
_chem_comp_atom.pdbx_stereo_config 
_chem_comp_atom.pdbx_ordinal 
DA  OP3    O N N 1   
DA  P      P N N 2   
DA  OP1    O N N 3   
DA  OP2    O N N 4   
DA  "O5'"  O N N 5   
DA  "C5'"  C N N 6   
DA  "C4'"  C N R 7   
DA  "O4'"  O N N 8   
DA  "C3'"  C N S 9   
DA  "O3'"  O N N 10  
DA  "C2'"  C N N 11  
DA  "C1'"  C N R 12  
DA  N9     N Y N 13  
DA  C8     C Y N 14  
DA  N7     N Y N 15  
DA  C5     C Y N 16  
DA  C6     C Y N 17  
DA  N6     N N N 18  
DA  N1     N Y N 19  
DA  C2     C Y N 20  
DA  N3     N Y N 21  
DA  C4     C Y N 22  
DA  HOP3   H N N 23  
DA  HOP2   H N N 24  
DA  "H5'"  H N N 25  
DA  "H5''" H N N 26  
DA  "H4'"  H N N 27  
DA  "H3'"  H N N 28  
DA  "HO3'" H N N 29  
DA  "H2'"  H N N 30  
DA  "H2''" H N N 31  
DA  "H1'"  H N N 32  
DA  H8     H N N 33  
DA  H61    H N N 34  
DA  H62    H N N 35  
DA  H2     H N N 36  
DC  OP3    O N N 37  
DC  P      P N N 38  
DC  OP1    O N N 39  
DC  OP2    O N N 40  
DC  "O5'"  O N N 41  
DC  "C5'"  C N N 42  
DC  "C4'"  C N R 43  
DC  "O4'"  O N N 44  
DC  "C3'"  C N S 45  
DC  "O3'"  O N N 46  
DC  "C2'"  C N N 47  
DC  "C1'"  C N R 48  
DC  N1     N N N 49  
DC  C2     C N N 50  
DC  O2     O N N 51  
DC  N3     N N N 52  
DC  C4     C N N 53  
DC  N4     N N N 54  
DC  C5     C N N 55  
DC  C6     C N N 56  
DC  HOP3   H N N 57  
DC  HOP2   H N N 58  
DC  "H5'"  H N N 59  
DC  "H5''" H N N 60  
DC  "H4'"  H N N 61  
DC  "H3'"  H N N 62  
DC  "HO3'" H N N 63  
DC  "H2'"  H N N 64  
DC  "H2''" H N N 65  
DC  "H1'"  H N N 66  
DC  H41    H N N 67  
DC  H42    H N N 68  
DC  H5     H N N 69  
DC  H6     H N N 70  
DG  OP3    O N N 71  
DG  P      P N N 72  
DG  OP1    O N N 73  
DG  OP2    O N N 74  
DG  "O5'"  O N N 75  
DG  "C5'"  C N N 76  
DG  "C4'"  C N R 77  
DG  "O4'"  O N N 78  
DG  "C3'"  C N S 79  
DG  "O3'"  O N N 80  
DG  "C2'"  C N N 81  
DG  "C1'"  C N R 82  
DG  N9     N Y N 83  
DG  C8     C Y N 84  
DG  N7     N Y N 85  
DG  C5     C Y N 86  
DG  C6     C N N 87  
DG  O6     O N N 88  
DG  N1     N N N 89  
DG  C2     C N N 90  
DG  N2     N N N 91  
DG  N3     N N N 92  
DG  C4     C Y N 93  
DG  HOP3   H N N 94  
DG  HOP2   H N N 95  
DG  "H5'"  H N N 96  
DG  "H5''" H N N 97  
DG  "H4'"  H N N 98  
DG  "H3'"  H N N 99  
DG  "HO3'" H N N 100 
DG  "H2'"  H N N 101 
DG  "H2''" H N N 102 
DG  "H1'"  H N N 103 
DG  H8     H N N 104 
DG  H1     H N N 105 
DG  H21    H N N 106 
DG  H22    H N N 107 
DT  OP3    O N N 108 
DT  P      P N N 109 
DT  OP1    O N N 110 
DT  OP2    O N N 111 
DT  "O5'"  O N N 112 
DT  "C5'"  C N N 113 
DT  "C4'"  C N R 114 
DT  "O4'"  O N N 115 
DT  "C3'"  C N S 116 
DT  "O3'"  O N N 117 
DT  "C2'"  C N N 118 
DT  "C1'"  C N R 119 
DT  N1     N N N 120 
DT  C2     C N N 121 
DT  O2     O N N 122 
DT  N3     N N N 123 
DT  C4     C N N 124 
DT  O4     O N N 125 
DT  C5     C N N 126 
DT  C7     C N N 127 
DT  C6     C N N 128 
DT  HOP3   H N N 129 
DT  HOP2   H N N 130 
DT  "H5'"  H N N 131 
DT  "H5''" H N N 132 
DT  "H4'"  H N N 133 
DT  "H3'"  H N N 134 
DT  "HO3'" H N N 135 
DT  "H2'"  H N N 136 
DT  "H2''" H N N 137 
DT  "H1'"  H N N 138 
DT  H3     H N N 139 
DT  H71    H N N 140 
DT  H72    H N N 141 
DT  H73    H N N 142 
DT  H6     H N N 143 
PGA P      P N N 144 
PGA O1P    O N N 145 
PGA O2P    O N N 146 
PGA O3P    O N N 147 
PGA O4P    O N N 148 
PGA C2     C N N 149 
PGA C1     C N N 150 
PGA O1     O N N 151 
PGA O2     O N N 152 
PGA HOP3   H N N 153 
PGA HOP4   H N N 154 
PGA H21    H N N 155 
PGA H22    H N N 156 
PGA HO2    H N N 157 
# 
loop_
_chem_comp_bond.comp_id 
_chem_comp_bond.atom_id_1 
_chem_comp_bond.atom_id_2 
_chem_comp_bond.value_order 
_chem_comp_bond.pdbx_aromatic_flag 
_chem_comp_bond.pdbx_stereo_config 
_chem_comp_bond.pdbx_ordinal 
DA  OP3   P      sing N N 1   
DA  OP3   HOP3   sing N N 2   
DA  P     OP1    doub N N 3   
DA  P     OP2    sing N N 4   
DA  P     "O5'"  sing N N 5   
DA  OP2   HOP2   sing N N 6   
DA  "O5'" "C5'"  sing N N 7   
DA  "C5'" "C4'"  sing N N 8   
DA  "C5'" "H5'"  sing N N 9   
DA  "C5'" "H5''" sing N N 10  
DA  "C4'" "O4'"  sing N N 11  
DA  "C4'" "C3'"  sing N N 12  
DA  "C4'" "H4'"  sing N N 13  
DA  "O4'" "C1'"  sing N N 14  
DA  "C3'" "O3'"  sing N N 15  
DA  "C3'" "C2'"  sing N N 16  
DA  "C3'" "H3'"  sing N N 17  
DA  "O3'" "HO3'" sing N N 18  
DA  "C2'" "C1'"  sing N N 19  
DA  "C2'" "H2'"  sing N N 20  
DA  "C2'" "H2''" sing N N 21  
DA  "C1'" N9     sing N N 22  
DA  "C1'" "H1'"  sing N N 23  
DA  N9    C8     sing Y N 24  
DA  N9    C4     sing Y N 25  
DA  C8    N7     doub Y N 26  
DA  C8    H8     sing N N 27  
DA  N7    C5     sing Y N 28  
DA  C5    C6     sing Y N 29  
DA  C5    C4     doub Y N 30  
DA  C6    N6     sing N N 31  
DA  C6    N1     doub Y N 32  
DA  N6    H61    sing N N 33  
DA  N6    H62    sing N N 34  
DA  N1    C2     sing Y N 35  
DA  C2    N3     doub Y N 36  
DA  C2    H2     sing N N 37  
DA  N3    C4     sing Y N 38  
DC  OP3   P      sing N N 39  
DC  OP3   HOP3   sing N N 40  
DC  P     OP1    doub N N 41  
DC  P     OP2    sing N N 42  
DC  P     "O5'"  sing N N 43  
DC  OP2   HOP2   sing N N 44  
DC  "O5'" "C5'"  sing N N 45  
DC  "C5'" "C4'"  sing N N 46  
DC  "C5'" "H5'"  sing N N 47  
DC  "C5'" "H5''" sing N N 48  
DC  "C4'" "O4'"  sing N N 49  
DC  "C4'" "C3'"  sing N N 50  
DC  "C4'" "H4'"  sing N N 51  
DC  "O4'" "C1'"  sing N N 52  
DC  "C3'" "O3'"  sing N N 53  
DC  "C3'" "C2'"  sing N N 54  
DC  "C3'" "H3'"  sing N N 55  
DC  "O3'" "HO3'" sing N N 56  
DC  "C2'" "C1'"  sing N N 57  
DC  "C2'" "H2'"  sing N N 58  
DC  "C2'" "H2''" sing N N 59  
DC  "C1'" N1     sing N N 60  
DC  "C1'" "H1'"  sing N N 61  
DC  N1    C2     sing N N 62  
DC  N1    C6     sing N N 63  
DC  C2    O2     doub N N 64  
DC  C2    N3     sing N N 65  
DC  N3    C4     doub N N 66  
DC  C4    N4     sing N N 67  
DC  C4    C5     sing N N 68  
DC  N4    H41    sing N N 69  
DC  N4    H42    sing N N 70  
DC  C5    C6     doub N N 71  
DC  C5    H5     sing N N 72  
DC  C6    H6     sing N N 73  
DG  OP3   P      sing N N 74  
DG  OP3   HOP3   sing N N 75  
DG  P     OP1    doub N N 76  
DG  P     OP2    sing N N 77  
DG  P     "O5'"  sing N N 78  
DG  OP2   HOP2   sing N N 79  
DG  "O5'" "C5'"  sing N N 80  
DG  "C5'" "C4'"  sing N N 81  
DG  "C5'" "H5'"  sing N N 82  
DG  "C5'" "H5''" sing N N 83  
DG  "C4'" "O4'"  sing N N 84  
DG  "C4'" "C3'"  sing N N 85  
DG  "C4'" "H4'"  sing N N 86  
DG  "O4'" "C1'"  sing N N 87  
DG  "C3'" "O3'"  sing N N 88  
DG  "C3'" "C2'"  sing N N 89  
DG  "C3'" "H3'"  sing N N 90  
DG  "O3'" "HO3'" sing N N 91  
DG  "C2'" "C1'"  sing N N 92  
DG  "C2'" "H2'"  sing N N 93  
DG  "C2'" "H2''" sing N N 94  
DG  "C1'" N9     sing N N 95  
DG  "C1'" "H1'"  sing N N 96  
DG  N9    C8     sing Y N 97  
DG  N9    C4     sing Y N 98  
DG  C8    N7     doub Y N 99  
DG  C8    H8     sing N N 100 
DG  N7    C5     sing Y N 101 
DG  C5    C6     sing N N 102 
DG  C5    C4     doub Y N 103 
DG  C6    O6     doub N N 104 
DG  C6    N1     sing N N 105 
DG  N1    C2     sing N N 106 
DG  N1    H1     sing N N 107 
DG  C2    N2     sing N N 108 
DG  C2    N3     doub N N 109 
DG  N2    H21    sing N N 110 
DG  N2    H22    sing N N 111 
DG  N3    C4     sing N N 112 
DT  OP3   P      sing N N 113 
DT  OP3   HOP3   sing N N 114 
DT  P     OP1    doub N N 115 
DT  P     OP2    sing N N 116 
DT  P     "O5'"  sing N N 117 
DT  OP2   HOP2   sing N N 118 
DT  "O5'" "C5'"  sing N N 119 
DT  "C5'" "C4'"  sing N N 120 
DT  "C5'" "H5'"  sing N N 121 
DT  "C5'" "H5''" sing N N 122 
DT  "C4'" "O4'"  sing N N 123 
DT  "C4'" "C3'"  sing N N 124 
DT  "C4'" "H4'"  sing N N 125 
DT  "O4'" "C1'"  sing N N 126 
DT  "C3'" "O3'"  sing N N 127 
DT  "C3'" "C2'"  sing N N 128 
DT  "C3'" "H3'"  sing N N 129 
DT  "O3'" "HO3'" sing N N 130 
DT  "C2'" "C1'"  sing N N 131 
DT  "C2'" "H2'"  sing N N 132 
DT  "C2'" "H2''" sing N N 133 
DT  "C1'" N1     sing N N 134 
DT  "C1'" "H1'"  sing N N 135 
DT  N1    C2     sing N N 136 
DT  N1    C6     sing N N 137 
DT  C2    O2     doub N N 138 
DT  C2    N3     sing N N 139 
DT  N3    C4     sing N N 140 
DT  N3    H3     sing N N 141 
DT  C4    O4     doub N N 142 
DT  C4    C5     sing N N 143 
DT  C5    C7     sing N N 144 
DT  C5    C6     doub N N 145 
DT  C7    H71    sing N N 146 
DT  C7    H72    sing N N 147 
DT  C7    H73    sing N N 148 
DT  C6    H6     sing N N 149 
PGA P     O1P    sing N N 150 
PGA P     O2P    doub N N 151 
PGA P     O3P    sing N N 152 
PGA P     O4P    sing N N 153 
PGA O1P   C2     sing N N 154 
PGA O3P   HOP3   sing N N 155 
PGA O4P   HOP4   sing N N 156 
PGA C2    C1     sing N N 157 
PGA C2    H21    sing N N 158 
PGA C2    H22    sing N N 159 
PGA C1    O1     doub N N 160 
PGA C1    O2     sing N N 161 
PGA O2    HO2    sing N N 162 
# 
loop_
_ndb_struct_conf_na.entry_id 
_ndb_struct_conf_na.feature 
1GJ1 'double helix'        
1GJ1 'b-form double helix' 
1GJ1 'triple helix'        
# 
loop_
_ndb_struct_na_base_pair.model_number 
_ndb_struct_na_base_pair.i_label_asym_id 
_ndb_struct_na_base_pair.i_label_comp_id 
_ndb_struct_na_base_pair.i_label_seq_id 
_ndb_struct_na_base_pair.i_symmetry 
_ndb_struct_na_base_pair.j_label_asym_id 
_ndb_struct_na_base_pair.j_label_comp_id 
_ndb_struct_na_base_pair.j_label_seq_id 
_ndb_struct_na_base_pair.j_symmetry 
_ndb_struct_na_base_pair.shear 
_ndb_struct_na_base_pair.stretch 
_ndb_struct_na_base_pair.stagger 
_ndb_struct_na_base_pair.buckle 
_ndb_struct_na_base_pair.propeller 
_ndb_struct_na_base_pair.opening 
_ndb_struct_na_base_pair.pair_number 
_ndb_struct_na_base_pair.pair_name 
_ndb_struct_na_base_pair.i_auth_asym_id 
_ndb_struct_na_base_pair.i_auth_seq_id 
_ndb_struct_na_base_pair.i_PDB_ins_code 
_ndb_struct_na_base_pair.j_auth_asym_id 
_ndb_struct_na_base_pair.j_auth_seq_id 
_ndb_struct_na_base_pair.j_PDB_ins_code 
_ndb_struct_na_base_pair.hbond_type_28 
_ndb_struct_na_base_pair.hbond_type_12 
1 A DC 1 1_555 C DG 13 1_555 1.058  -0.626 1.121 -12.981 -19.944 -8.154  1  A_DC1:DG26_C  A 1  ? C 26 ? 19 1 
1 A DC 2 1_555 C DG 12 1_555 1.124  -0.501 0.798 -10.015 -2.055  -0.439  2  A_DC2:DG25_C  A 2  ? C 25 ? 19 1 
1 A DA 3 1_555 C DT 11 1_555 0.055  -0.178 0.721 24.587  -9.052  -10.790 3  A_DA3:DT24_C  A 3  ? C 24 ? 20 1 
1 A DA 4 1_555 C DT 10 1_555 -0.152 -0.232 0.433 19.026  -21.830 -4.253  4  A_DA4:DT23_C  A 4  ? C 23 ? 20 1 
1 A DA 5 1_555 C DT 9  1_555 0.036  -0.219 0.973 26.296  -11.795 -10.973 5  A_DA5:DT22_C  A 5  ? C 22 ? 20 1 
1 A DG 6 1_555 C DC 8  1_555 -0.585 -0.286 0.508 22.192  -13.697 -1.876  6  A_DG6:DC21_C  A 6  ? C 21 ? 19 1 
1 B DA 1 1_555 C DT 6  1_555 0.119  -0.113 0.203 -3.410  13.087  -8.475  7  B_DA8:DT19_C  B 8  ? C 19 ? 20 1 
1 B DC 2 1_555 C DG 5  1_555 0.940  -0.432 0.943 -17.631 -11.279 -4.883  8  B_DC9:DG18_C  B 9  ? C 18 ? 19 1 
1 B DT 3 1_555 C DA 4  1_555 0.123  -0.195 0.130 -6.458  -0.615  -6.721  9  B_DT10:DA17_C B 10 ? C 17 ? 20 1 
1 B DG 4 1_555 C DC 3  1_555 -0.696 -0.480 1.089 17.247  -3.803  -8.743  10 B_DG11:DC16_C B 11 ? C 16 ? 19 1 
1 B DG 5 1_555 C DC 2  1_555 -0.823 -0.497 1.154 22.981  -12.672 -5.615  11 B_DG12:DC15_C B 12 ? C 15 ? 19 1 
1 B DG 6 1_555 C DC 1  1_555 -0.897 -0.579 1.002 4.256   -19.554 -7.743  12 B_DG13:DC14_C B 13 ? C 14 ? 19 1 
# 
loop_
_ndb_struct_na_base_pair_step.model_number 
_ndb_struct_na_base_pair_step.i_label_asym_id_1 
_ndb_struct_na_base_pair_step.i_label_comp_id_1 
_ndb_struct_na_base_pair_step.i_label_seq_id_1 
_ndb_struct_na_base_pair_step.i_symmetry_1 
_ndb_struct_na_base_pair_step.j_label_asym_id_1 
_ndb_struct_na_base_pair_step.j_label_comp_id_1 
_ndb_struct_na_base_pair_step.j_label_seq_id_1 
_ndb_struct_na_base_pair_step.j_symmetry_1 
_ndb_struct_na_base_pair_step.i_label_asym_id_2 
_ndb_struct_na_base_pair_step.i_label_comp_id_2 
_ndb_struct_na_base_pair_step.i_label_seq_id_2 
_ndb_struct_na_base_pair_step.i_symmetry_2 
_ndb_struct_na_base_pair_step.j_label_asym_id_2 
_ndb_struct_na_base_pair_step.j_label_comp_id_2 
_ndb_struct_na_base_pair_step.j_label_seq_id_2 
_ndb_struct_na_base_pair_step.j_symmetry_2 
_ndb_struct_na_base_pair_step.shift 
_ndb_struct_na_base_pair_step.slide 
_ndb_struct_na_base_pair_step.rise 
_ndb_struct_na_base_pair_step.tilt 
_ndb_struct_na_base_pair_step.roll 
_ndb_struct_na_base_pair_step.twist 
_ndb_struct_na_base_pair_step.x_displacement 
_ndb_struct_na_base_pair_step.y_displacement 
_ndb_struct_na_base_pair_step.helical_rise 
_ndb_struct_na_base_pair_step.inclination 
_ndb_struct_na_base_pair_step.tip 
_ndb_struct_na_base_pair_step.helical_twist 
_ndb_struct_na_base_pair_step.step_number 
_ndb_struct_na_base_pair_step.step_name 
_ndb_struct_na_base_pair_step.i_auth_asym_id_1 
_ndb_struct_na_base_pair_step.i_auth_seq_id_1 
_ndb_struct_na_base_pair_step.i_PDB_ins_code_1 
_ndb_struct_na_base_pair_step.j_auth_asym_id_1 
_ndb_struct_na_base_pair_step.j_auth_seq_id_1 
_ndb_struct_na_base_pair_step.j_PDB_ins_code_1 
_ndb_struct_na_base_pair_step.i_auth_asym_id_2 
_ndb_struct_na_base_pair_step.i_auth_seq_id_2 
_ndb_struct_na_base_pair_step.i_PDB_ins_code_2 
_ndb_struct_na_base_pair_step.j_auth_asym_id_2 
_ndb_struct_na_base_pair_step.j_auth_seq_id_2 
_ndb_struct_na_base_pair_step.j_PDB_ins_code_2 
1 A DC 1 1_555 C DG 13 1_555 A DC 2 1_555 C DG 12 1_555 0.527  -0.513 3.139 3.206   -4.338  42.941 -0.284 -0.410 3.203 -5.898  
-4.359  43.263 1  AA_DC1DC2:DG25DG26_CC   A 1  ? C 26 ? A 2  ? C 25 ? 
1 A DC 2 1_555 C DG 12 1_555 A DA 3 1_555 C DT 11 1_555 -0.026 -0.744 2.324 2.564   -1.441  27.775 -1.297 0.490  2.347 -2.991  
-5.322  27.927 2  AA_DC2DA3:DT24DG25_CC   A 2  ? C 25 ? A 3  ? C 24 ? 
1 A DA 3 1_555 C DT 11 1_555 A DA 4 1_555 C DT 10 1_555 -0.132 -0.539 3.426 -4.375  4.791   39.827 -1.343 -0.322 3.337 6.976   
6.372   40.330 3  AA_DA3DA4:DT23DT24_CC   A 3  ? C 24 ? A 4  ? C 23 ? 
1 A DA 4 1_555 C DT 10 1_555 A DA 5 1_555 C DT 9  1_555 0.364  0.067  2.986 -5.141  -9.710  39.351 1.066  -1.035 2.825 -14.089 
7.459   40.798 4  AA_DA4DA5:DT22DT23_CC   A 4  ? C 23 ? A 5  ? C 22 ? 
1 A DA 5 1_555 C DT 9  1_555 A DG 6 1_555 C DC 8  1_555 0.030  -0.471 3.291 3.454   1.815   38.097 -0.947 0.389  3.257 2.772   
-5.274  38.289 5  AA_DA5DG6:DC21DT22_CC   A 5  ? C 22 ? A 6  ? C 21 ? 
1 A DG 6 1_555 C DC 8  1_555 B DA 1 1_555 C DT 6  1_555 0.416  0.400  7.068 -21.990 -14.751 82.340 1.019  -1.387 6.694 -10.956 
16.333  85.765 6  AB_DG6DA8:DT19DC21_CC   A 6  ? C 21 ? B 8  ? C 19 ? 
1 B DA 1 1_555 C DT 6  1_555 B DC 2 1_555 C DG 5  1_555 -0.326 -0.518 4.750 1.237   -20.463 36.174 2.560  0.661  4.409 -30.164 
-1.824  41.409 7  BB_DA8DC9:DG18DT19_CC   B 8  ? C 19 ? B 9  ? C 18 ? 
1 B DC 2 1_555 C DG 5  1_555 B DT 3 1_555 C DA 4  1_555 -0.023 -0.547 3.112 7.211   -1.516  35.368 -0.677 1.011  3.068 -2.463  
-11.712 36.104 8  BB_DC9DT10:DA17DG18_CC  B 9  ? C 18 ? B 10 ? C 17 ? 
1 B DT 3 1_555 C DA 4  1_555 B DG 4 1_555 C DC 3  1_555 0.017  -1.043 2.656 -6.682  -4.967  33.004 -1.121 -0.921 2.725 -8.574  
11.534  34.009 9  BB_DT10DG11:DC16DA17_CC B 10 ? C 17 ? B 11 ? C 16 ? 
1 B DG 4 1_555 C DC 3  1_555 B DG 5 1_555 C DC 2  1_555 0.019  0.066  3.185 3.861   -7.270  40.069 0.872  0.385  3.116 -10.476 
-5.564  40.872 10 BB_DG11DG12:DC15DC16_CC B 11 ? C 16 ? B 12 ? C 15 ? 
1 B DG 5 1_555 C DC 2  1_555 B DG 6 1_555 C DC 1  1_555 0.260  0.147  3.556 -0.319  -2.039  44.768 0.394  -0.372 3.545 -2.676  
0.419   44.814 11 BB_DG12DG13:DC14DC15_CC B 12 ? C 15 ? B 13 ? C 14 ? 
# 
loop_
_pdbx_nmr_spectrometer.spectrometer_id 
_pdbx_nmr_spectrometer.type 
_pdbx_nmr_spectrometer.manufacturer 
_pdbx_nmr_spectrometer.model 
_pdbx_nmr_spectrometer.field_strength 
1 ? ? 'custom build' 500 
2 ? ? 'custom build' 600 
3 ? ? 'custom build' 750 
# 
_atom_sites.entry_id                    1GJ1 
_atom_sites.fract_transf_matrix[1][1]   1.000000 
_atom_sites.fract_transf_matrix[1][2]   0.000000 
_atom_sites.fract_transf_matrix[1][3]   0.000000 
_atom_sites.fract_transf_matrix[2][1]   0.000000 
_atom_sites.fract_transf_matrix[2][2]   1.000000 
_atom_sites.fract_transf_matrix[2][3]   0.000000 
_atom_sites.fract_transf_matrix[3][1]   0.000000 
_atom_sites.fract_transf_matrix[3][2]   0.000000 
_atom_sites.fract_transf_matrix[3][3]   1.000000 
_atom_sites.fract_transf_vector[1]      0.00000 
_atom_sites.fract_transf_vector[2]      0.00000 
_atom_sites.fract_transf_vector[3]      0.00000 
# 
loop_
_atom_type.symbol 
C 
H 
N 
O 
P 
# 
loop_
_atom_site.group_PDB 
_atom_site.id 
_atom_site.type_symbol 
_atom_site.label_atom_id 
_atom_site.label_alt_id 
_atom_site.label_comp_id 
_atom_site.label_asym_id 
_atom_site.label_entity_id 
_atom_site.label_seq_id 
_atom_site.pdbx_PDB_ins_code 
_atom_site.Cartn_x 
_atom_site.Cartn_y 
_atom_site.Cartn_z 
_atom_site.occupancy 
_atom_site.B_iso_or_equiv 
_atom_site.pdbx_formal_charge 
_atom_site.auth_seq_id 
_atom_site.auth_comp_id 
_atom_site.auth_asym_id 
_atom_site.auth_atom_id 
_atom_site.pdbx_PDB_model_num 
ATOM   1   O "O5'"  . DC  A 1 1  ? -18.943 -6.078 -15.261 1.00 0.61 ? 1  DC  A "O5'"  1 
ATOM   2   C "C5'"  . DC  A 1 1  ? -18.064 -6.635 -16.234 1.00 0.55 ? 1  DC  A "C5'"  1 
ATOM   3   C "C4'"  . DC  A 1 1  ? -16.593 -6.382 -15.886 1.00 0.46 ? 1  DC  A "C4'"  1 
ATOM   4   O "O4'"  . DC  A 1 1  ? -16.370 -4.958 -15.578 1.00 0.44 ? 1  DC  A "O4'"  1 
ATOM   5   C "C3'"  . DC  A 1 1  ? -16.141 -7.144 -14.624 1.00 0.42 ? 1  DC  A "C3'"  1 
ATOM   6   O "O3'"  . DC  A 1 1  ? -14.841 -7.641 -14.851 1.00 0.42 ? 1  DC  A "O3'"  1 
ATOM   7   C "C2'"  . DC  A 1 1  ? -16.106 -6.024 -13.577 1.00 0.41 ? 1  DC  A "C2'"  1 
ATOM   8   C "C1'"  . DC  A 1 1  ? -15.497 -4.941 -14.467 1.00 0.38 ? 1  DC  A "C1'"  1 
ATOM   9   N N1     . DC  A 1 1  ? -15.292 -3.560 -13.938 1.00 0.37 ? 1  DC  A N1     1 
ATOM   10  C C2     . DC  A 1 1  ? -14.175 -2.837 -14.471 1.00 0.31 ? 1  DC  A C2     1 
ATOM   11  O O2     . DC  A 1 1  ? -13.400 -3.320 -15.313 1.00 0.32 ? 1  DC  A O2     1 
ATOM   12  N N3     . DC  A 1 1  ? -13.962 -1.557 -14.047 1.00 0.31 ? 1  DC  A N3     1 
ATOM   13  C C4     . DC  A 1 1  ? -14.783 -0.959 -13.168 1.00 0.34 ? 1  DC  A C4     1 
ATOM   14  N N4     . DC  A 1 1  ? -14.606 0.345  -12.869 1.00 0.33 ? 1  DC  A N4     1 
ATOM   15  C C5     . DC  A 1 1  ? -15.859 -1.693 -12.563 1.00 0.41 ? 1  DC  A C5     1 
ATOM   16  C C6     . DC  A 1 1  ? -16.088 -2.949 -12.978 1.00 0.43 ? 1  DC  A C6     1 
ATOM   17  H "H5'"  . DC  A 1 1  ? -18.284 -6.164 -17.218 1.00 0.66 ? 1  DC  A "H5'"  1 
ATOM   18  H "H5''" . DC  A 1 1  ? -18.251 -7.729 -16.320 1.00 0.68 ? 1  DC  A "H5''" 1 
ATOM   19  H "H4'"  . DC  A 1 1  ? -15.949 -6.648 -16.753 1.00 0.48 ? 1  DC  A "H4'"  1 
ATOM   20  H "H3'"  . DC  A 1 1  ? -16.840 -7.954 -14.337 1.00 0.48 ? 1  DC  A "H3'"  1 
ATOM   21  H "H2'"  . DC  A 1 1  ? -17.149 -5.819 -13.265 1.00 0.46 ? 1  DC  A "H2'"  1 
ATOM   22  H "H2''" . DC  A 1 1  ? -15.499 -6.295 -12.699 1.00 0.42 ? 1  DC  A "H2''" 1 
ATOM   23  H "H1'"  . DC  A 1 1  ? -14.525 -5.313 -14.861 1.00 0.35 ? 1  DC  A "H1'"  1 
ATOM   24  H H41    . DC  A 1 1  ? -13.914 0.827  -13.413 1.00 0.39 ? 1  DC  A H41    1 
ATOM   25  H H42    . DC  A 1 1  ? -15.178 0.847  -12.224 1.00 0.34 ? 1  DC  A H42    1 
ATOM   26  H H5     . DC  A 1 1  ? -16.457 -1.222 -11.788 1.00 0.48 ? 1  DC  A H5     1 
ATOM   27  H H6     . DC  A 1 1  ? -16.921 -3.505 -12.559 1.00 0.55 ? 1  DC  A H6     1 
ATOM   28  H "HO5'" . DC  A 1 1  ? -18.476 -5.278 -14.984 1.00 0.63 ? 1  DC  A "HO5'" 1 
ATOM   29  P P      . DC  A 1 2  ? -14.053 -8.638 -13.932 1.00 0.41 ? 2  DC  A P      1 
ATOM   30  O OP1    . DC  A 1 2  ? -14.134 -9.988 -14.526 1.00 0.50 ? 2  DC  A OP1    1 
ATOM   31  O OP2    . DC  A 1 2  ? -14.453 -8.475 -12.515 1.00 0.47 ? 2  DC  A OP2    1 
ATOM   32  O "O5'"  . DC  A 1 2  ? -12.600 -8.063 -14.128 1.00 0.40 ? 2  DC  A "O5'"  1 
ATOM   33  C "C5'"  . DC  A 1 2  ? -12.069 -8.039 -15.462 1.00 0.37 ? 2  DC  A "C5'"  1 
ATOM   34  C "C4'"  . DC  A 1 2  ? -10.858 -7.117 -15.548 1.00 0.32 ? 2  DC  A "C4'"  1 
ATOM   35  O "O4'"  . DC  A 1 2  ? -11.235 -5.782 -15.105 1.00 0.34 ? 2  DC  A "O4'"  1 
ATOM   36  C "C3'"  . DC  A 1 2  ? -9.703  -7.594 -14.679 1.00 0.31 ? 2  DC  A "C3'"  1 
ATOM   37  O "O3'"  . DC  A 1 2  ? -8.616  -7.853 -15.539 1.00 0.36 ? 2  DC  A "O3'"  1 
ATOM   38  C "C2'"  . DC  A 1 2  ? -9.430  -6.412 -13.756 1.00 0.27 ? 2  DC  A "C2'"  1 
ATOM   39  C "C1'"  . DC  A 1 2  ? -10.208 -5.235 -14.319 1.00 0.29 ? 2  DC  A "C1'"  1 
ATOM   40  N N1     . DC  A 1 2  ? -10.824 -4.377 -13.274 1.00 0.31 ? 2  DC  A N1     1 
ATOM   41  C C2     . DC  A 1 2  ? -10.422 -3.018 -13.212 1.00 0.28 ? 2  DC  A C2     1 
ATOM   42  O O2     . DC  A 1 2  ? -9.501  -2.576 -13.915 1.00 0.31 ? 2  DC  A O2     1 
ATOM   43  N N3     . DC  A 1 2  ? -11.082 -2.177 -12.358 1.00 0.25 ? 2  DC  A N3     1 
ATOM   44  C C4     . DC  A 1 2  ? -12.090 -2.615 -11.590 1.00 0.24 ? 2  DC  A C4     1 
ATOM   45  N N4     . DC  A 1 2  ? -12.780 -1.748 -10.815 1.00 0.28 ? 2  DC  A N4     1 
ATOM   46  C C5     . DC  A 1 2  ? -12.472 -3.998 -11.593 1.00 0.29 ? 2  DC  A C5     1 
ATOM   47  C C6     . DC  A 1 2  ? -11.827 -4.828 -12.429 1.00 0.30 ? 2  DC  A C6     1 
ATOM   48  H "H5'"  . DC  A 1 2  ? -12.815 -7.666 -16.205 1.00 0.40 ? 2  DC  A "H5'"  1 
ATOM   49  H "H5''" . DC  A 1 2  ? -11.761 -9.066 -15.765 1.00 0.43 ? 2  DC  A "H5''" 1 
ATOM   50  H "H4'"  . DC  A 1 2  ? -10.498 -6.985 -16.586 1.00 0.34 ? 2  DC  A "H4'"  1 
ATOM   51  H "H3'"  . DC  A 1 2  ? -9.979  -8.498 -14.092 1.00 0.38 ? 2  DC  A "H3'"  1 
ATOM   52  H "H2'"  . DC  A 1 2  ? -9.721  -6.660 -12.715 1.00 0.31 ? 2  DC  A "H2'"  1 
ATOM   53  H "H2''" . DC  A 1 2  ? -8.373  -6.133 -13.822 1.00 0.29 ? 2  DC  A "H2''" 1 
ATOM   54  H "H1'"  . DC  A 1 2  ? -9.556  -4.675 -15.028 1.00 0.30 ? 2  DC  A "H1'"  1 
ATOM   55  H H41    . DC  A 1 2  ? -12.501 -0.782 -10.840 1.00 0.31 ? 2  DC  A H41    1 
ATOM   56  H H42    . DC  A 1 2  ? -13.494 -2.047 -10.190 1.00 0.45 ? 2  DC  A H42    1 
ATOM   57  H H5     . DC  A 1 2  ? -13.272 -4.317 -10.931 1.00 0.34 ? 2  DC  A H5     1 
ATOM   58  H H6     . DC  A 1 2  ? -12.048 -5.896 -12.493 1.00 0.32 ? 2  DC  A H6     1 
ATOM   59  P P      . DA  A 1 3  ? -7.221  -8.456 -15.159 1.00 0.41 ? 3  DA  A P      1 
ATOM   60  O OP1    . DA  A 1 3  ? -6.559  -8.768 -16.442 1.00 0.52 ? 3  DA  A OP1    1 
ATOM   61  O OP2    . DA  A 1 3  ? -7.360  -9.559 -14.179 1.00 0.50 ? 3  DA  A OP2    1 
ATOM   62  O "O5'"  . DA  A 1 3  ? -6.432  -7.237 -14.517 1.00 0.37 ? 3  DA  A "O5'"  1 
ATOM   63  C "C5'"  . DA  A 1 3  ? -6.050  -6.190 -15.424 1.00 0.35 ? 3  DA  A "C5'"  1 
ATOM   64  C "C4'"  . DA  A 1 3  ? -5.457  -4.969 -14.710 1.00 0.31 ? 3  DA  A "C4'"  1 
ATOM   65  O "O4'"  . DA  A 1 3  ? -6.438  -4.316 -13.854 1.00 0.29 ? 3  DA  A "O4'"  1 
ATOM   66  C "C3'"  . DA  A 1 3  ? -4.284  -5.342 -13.792 1.00 0.31 ? 3  DA  A "C3'"  1 
ATOM   67  O "O3'"  . DA  A 1 3  ? -3.111  -4.755 -14.327 1.00 0.32 ? 3  DA  A "O3'"  1 
ATOM   68  C "C2'"  . DA  A 1 3  ? -4.756  -4.836 -12.405 1.00 0.28 ? 3  DA  A "C2'"  1 
ATOM   69  C "C1'"  . DA  A 1 3  ? -5.715  -3.725 -12.799 1.00 0.25 ? 3  DA  A "C1'"  1 
ATOM   70  N N9     . DA  A 1 3  ? -6.680  -3.312 -11.763 1.00 0.22 ? 3  DA  A N9     1 
ATOM   71  C C8     . DA  A 1 3  ? -7.405  -4.089 -10.906 1.00 0.26 ? 3  DA  A C8     1 
ATOM   72  N N7     . DA  A 1 3  ? -8.318  -3.447 -10.216 1.00 0.24 ? 3  DA  A N7     1 
ATOM   73  C C5     . DA  A 1 3  ? -8.182  -2.144 -10.653 1.00 0.19 ? 3  DA  A C5     1 
ATOM   74  C C6     . DA  A 1 3  ? -8.882  -0.981 -10.291 1.00 0.19 ? 3  DA  A C6     1 
ATOM   75  N N6     . DA  A 1 3  ? -9.902  -1.062 -9.410  1.00 0.22 ? 3  DA  A N6     1 
ATOM   76  N N1     . DA  A 1 3  ? -8.475  0.182  -10.868 1.00 0.19 ? 3  DA  A N1     1 
ATOM   77  C C2     . DA  A 1 3  ? -7.465  0.171  -11.741 1.00 0.18 ? 3  DA  A C2     1 
ATOM   78  N N3     . DA  A 1 3  ? -6.766  -0.876 -12.178 1.00 0.17 ? 3  DA  A N3     1 
ATOM   79  C C4     . DA  A 1 3  ? -7.175  -2.018 -11.585 1.00 0.17 ? 3  DA  A C4     1 
ATOM   80  H "H5'"  . DA  A 1 3  ? -6.923  -5.834 -16.022 1.00 0.36 ? 3  DA  A "H5'"  1 
ATOM   81  H "H5''" . DA  A 1 3  ? -5.281  -6.573 -16.134 1.00 0.40 ? 3  DA  A "H5''" 1 
ATOM   82  H "H4'"  . DA  A 1 3  ? -5.146  -4.211 -15.462 1.00 0.35 ? 3  DA  A "H4'"  1 
ATOM   83  H "H3'"  . DA  A 1 3  ? -4.151  -6.446 -13.759 1.00 0.34 ? 3  DA  A "H3'"  1 
ATOM   84  H "H2'"  . DA  A 1 3  ? -5.306  -5.665 -11.908 1.00 0.30 ? 3  DA  A "H2'"  1 
ATOM   85  H "H2''" . DA  A 1 3  ? -3.951  -4.493 -11.736 1.00 0.27 ? 3  DA  A "H2''" 1 
ATOM   86  H "H1'"  . DA  A 1 3  ? -5.155  -2.855 -13.215 1.00 0.27 ? 3  DA  A "H1'"  1 
ATOM   87  H H8     . DA  A 1 3  ? -7.136  -5.135 -10.778 1.00 0.28 ? 3  DA  A H8     1 
ATOM   88  H H61    . DA  A 1 3  ? -10.456 -0.240 -9.225  1.00 0.28 ? 3  DA  A H61    1 
ATOM   89  H H62    . DA  A 1 3  ? -10.123 -1.942 -8.997  1.00 0.29 ? 3  DA  A H62    1 
ATOM   90  H H2     . DA  A 1 3  ? -7.165  1.147  -12.137 1.00 0.25 ? 3  DA  A H2     1 
ATOM   91  P P      . DA  A 1 4  ? -1.839  -4.226 -13.585 1.00 0.30 ? 4  DA  A P      1 
ATOM   92  O OP1    . DA  A 1 4  ? -0.710  -4.227 -14.538 1.00 0.39 ? 4  DA  A OP1    1 
ATOM   93  O OP2    . DA  A 1 4  ? -1.643  -4.917 -12.288 1.00 0.35 ? 4  DA  A OP2    1 
ATOM   94  O "O5'"  . DA  A 1 4  ? -2.260  -2.736 -13.282 1.00 0.29 ? 4  DA  A "O5'"  1 
ATOM   95  C "C5'"  . DA  A 1 4  ? -2.345  -1.778 -14.346 1.00 0.28 ? 4  DA  A "C5'"  1 
ATOM   96  C "C4'"  . DA  A 1 4  ? -2.253  -0.304 -13.878 1.00 0.22 ? 4  DA  A "C4'"  1 
ATOM   97  O "O4'"  . DA  A 1 4  ? -3.256  -0.038 -12.851 1.00 0.19 ? 4  DA  A "O4'"  1 
ATOM   98  C "C3'"  . DA  A 1 4  ? -0.904  0.073  -13.251 1.00 0.21 ? 4  DA  A "C3'"  1 
ATOM   99  O "O3'"  . DA  A 1 4  ? -0.629  1.457  -13.464 1.00 0.24 ? 4  DA  A "O3'"  1 
ATOM   100 C "C2'"  . DA  A 1 4  ? -1.168  -0.245 -11.776 1.00 0.20 ? 4  DA  A "C2'"  1 
ATOM   101 C "C1'"  . DA  A 1 4  ? -2.615  0.233  -11.613 1.00 0.18 ? 4  DA  A "C1'"  1 
ATOM   102 N N9     . DA  A 1 4  ? -3.437  -0.414 -10.562 1.00 0.19 ? 4  DA  A N9     1 
ATOM   103 C C8     . DA  A 1 4  ? -3.597  -1.744 -10.309 1.00 0.23 ? 4  DA  A C8     1 
ATOM   104 N N7     . DA  A 1 4  ? -4.592  -2.038 -9.500  1.00 0.21 ? 4  DA  A N7     1 
ATOM   105 C C5     . DA  A 1 4  ? -5.121  -0.804 -9.185  1.00 0.17 ? 4  DA  A C5     1 
ATOM   106 C C6     . DA  A 1 4  ? -6.212  -0.453 -8.366  1.00 0.18 ? 4  DA  A C6     1 
ATOM   107 N N6     . DA  A 1 4  ? -6.995  -1.381 -7.782  1.00 0.19 ? 4  DA  A N6     1 
ATOM   108 N N1     . DA  A 1 4  ? -6.459  0.866  -8.206  1.00 0.24 ? 4  DA  A N1     1 
ATOM   109 C C2     . DA  A 1 4  ? -5.717  1.761  -8.867  1.00 0.25 ? 4  DA  A C2     1 
ATOM   110 N N3     . DA  A 1 4  ? -4.705  1.541  -9.711  1.00 0.21 ? 4  DA  A N3     1 
ATOM   111 C C4     . DA  A 1 4  ? -4.437  0.218  -9.813  1.00 0.17 ? 4  DA  A C4     1 
ATOM   112 H "H5'"  . DA  A 1 4  ? -3.327  -1.905 -14.858 1.00 0.33 ? 4  DA  A "H5'"  1 
ATOM   113 H "H5''" . DA  A 1 4  ? -1.543  -1.937 -15.104 1.00 0.33 ? 4  DA  A "H5''" 1 
ATOM   114 H "H4'"  . DA  A 1 4  ? -2.468  0.364  -14.741 1.00 0.24 ? 4  DA  A "H4'"  1 
ATOM   115 H "H3'"  . DA  A 1 4  ? -0.097  -0.568 -13.673 1.00 0.27 ? 4  DA  A "H3'"  1 
ATOM   116 H "H2'"  . DA  A 1 4  ? -1.001  -1.329 -11.665 1.00 0.24 ? 4  DA  A "H2'"  1 
ATOM   117 H "H2''" . DA  A 1 4  ? -0.510  0.250  -11.056 1.00 0.22 ? 4  DA  A "H2''" 1 
ATOM   118 H "H1'"  . DA  A 1 4  ? -2.613  1.341  -11.494 1.00 0.18 ? 4  DA  A "H1'"  1 
ATOM   119 H H8     . DA  A 1 4  ? -2.888  -2.440 -10.741 1.00 0.31 ? 4  DA  A H8     1 
ATOM   120 H H61    . DA  A 1 4  ? -7.830  -1.072 -7.307  1.00 0.24 ? 4  DA  A H61    1 
ATOM   121 H H62    . DA  A 1 4  ? -6.756  -2.350 -7.832  1.00 0.23 ? 4  DA  A H62    1 
ATOM   122 H H2     . DA  A 1 4  ? -5.970  2.810  -8.691  1.00 0.32 ? 4  DA  A H2     1 
ATOM   123 P P      . DA  A 1 5  ? 0.787   2.056  -13.099 1.00 0.29 ? 5  DA  A P      1 
ATOM   124 O OP1    . DA  A 1 5  ? 1.165   3.072  -14.109 1.00 0.35 ? 5  DA  A OP1    1 
ATOM   125 O OP2    . DA  A 1 5  ? 1.738   0.950  -12.845 1.00 0.47 ? 5  DA  A OP2    1 
ATOM   126 O "O5'"  . DA  A 1 5  ? 0.505   2.775  -11.722 1.00 0.33 ? 5  DA  A "O5'"  1 
ATOM   127 C "C5'"  . DA  A 1 5  ? -0.225  4.002  -11.650 1.00 0.31 ? 5  DA  A "C5'"  1 
ATOM   128 C "C4'"  . DA  A 1 5  ? -0.500  4.468  -10.197 1.00 0.34 ? 5  DA  A "C4'"  1 
ATOM   129 O "O4'"  . DA  A 1 5  ? -1.372  3.495  -9.526  1.00 0.36 ? 5  DA  A "O4'"  1 
ATOM   130 C "C3'"  . DA  A 1 5  ? 0.770   4.569  -9.326  1.00 0.32 ? 5  DA  A "C3'"  1 
ATOM   131 O "O3'"  . DA  A 1 5  ? 0.643   5.612  -8.356  1.00 0.36 ? 5  DA  A "O3'"  1 
ATOM   132 C "C2'"  . DA  A 1 5  ? 0.755   3.179  -8.680  1.00 0.32 ? 5  DA  A "C2'"  1 
ATOM   133 C "C1'"  . DA  A 1 5  ? -0.732  3.067  -8.336  1.00 0.32 ? 5  DA  A "C1'"  1 
ATOM   134 N N9     . DA  A 1 5  ? -1.253  1.727  -7.961  1.00 0.30 ? 5  DA  A N9     1 
ATOM   135 C C8     . DA  A 1 5  ? -0.767  0.479  -8.246  1.00 0.30 ? 5  DA  A C8     1 
ATOM   136 N N7     . DA  A 1 5  ? -1.470  -0.512 -7.762  1.00 0.26 ? 5  DA  A N7     1 
ATOM   137 C C5     . DA  A 1 5  ? -2.492  0.121  -7.091  1.00 0.26 ? 5  DA  A C5     1 
ATOM   138 C C6     . DA  A 1 5  ? -3.572  -0.417 -6.376  1.00 0.25 ? 5  DA  A C6     1 
ATOM   139 N N6     . DA  A 1 5  ? -3.776  -1.749 -6.401  1.00 0.26 ? 5  DA  A N6     1 
ATOM   140 N N1     . DA  A 1 5  ? -4.398  0.452  -5.740  1.00 0.29 ? 5  DA  A N1     1 
ATOM   141 C C2     . DA  A 1 5  ? -4.205  1.767  -5.907  1.00 0.32 ? 5  DA  A C2     1 
ATOM   142 N N3     . DA  A 1 5  ? -3.261  2.380  -6.634  1.00 0.31 ? 5  DA  A N3     1 
ATOM   143 C C4     . DA  A 1 5  ? -2.407  1.488  -7.191  1.00 0.27 ? 5  DA  A C4     1 
ATOM   144 H "H5'"  . DA  A 1 5  ? -1.211  3.893  -12.162 1.00 0.32 ? 5  DA  A "H5'"  1 
ATOM   145 H "H5''" . DA  A 1 5  ? 0.343   4.804  -12.170 1.00 0.37 ? 5  DA  A "H5''" 1 
ATOM   146 H "H4'"  . DA  A 1 5  ? -1.026  5.447  -10.210 1.00 0.40 ? 5  DA  A "H4'"  1 
ATOM   147 H "H3'"  . DA  A 1 5  ? 1.671   4.718  -9.958  1.00 0.35 ? 5  DA  A "H3'"  1 
ATOM   148 H "H2'"  . DA  A 1 5  ? 1.072   2.463  -9.459  1.00 0.33 ? 5  DA  A "H2'"  1 
ATOM   149 H "H2''" . DA  A 1 5  ? 1.458   3.076  -7.846  1.00 0.33 ? 5  DA  A "H2''" 1 
ATOM   150 H "H1'"  . DA  A 1 5  ? -0.996  3.817  -7.556  1.00 0.34 ? 5  DA  A "H1'"  1 
ATOM   151 H H8     . DA  A 1 5  ? 0.139   0.337  -8.822  1.00 0.36 ? 5  DA  A H8     1 
ATOM   152 H H61    . DA  A 1 5  ? -4.594  -2.140 -5.960  1.00 0.29 ? 5  DA  A H61    1 
ATOM   153 H H62    . DA  A 1 5  ? -3.139  -2.326 -6.908  1.00 0.34 ? 5  DA  A H62    1 
ATOM   154 H H2     . DA  A 1 5  ? -4.911  2.418  -5.383  1.00 0.41 ? 5  DA  A H2     1 
ATOM   155 P P      . DG  A 1 6  ? 1.834   6.024  -7.393  1.00 0.37 ? 6  DG  A P      1 
ATOM   156 O OP1    . DG  A 1 6  ? 2.212   7.416  -7.722  1.00 0.47 ? 6  DG  A OP1    1 
ATOM   157 O OP2    . DG  A 1 6  ? 2.904   4.997  -7.457  1.00 0.38 ? 6  DG  A OP2    1 
ATOM   158 O "O5'"  . DG  A 1 6  ? 1.140   5.958  -5.957  1.00 0.34 ? 6  DG  A "O5'"  1 
ATOM   159 C "C5'"  . DG  A 1 6  ? 0.403   7.126  -5.553  1.00 0.34 ? 6  DG  A "C5'"  1 
ATOM   160 C "C4'"  . DG  A 1 6  ? -0.321  6.970  -4.196  1.00 0.32 ? 6  DG  A "C4'"  1 
ATOM   161 O "O4'"  . DG  A 1 6  ? -1.185  5.802  -4.249  1.00 0.38 ? 6  DG  A "O4'"  1 
ATOM   162 C "C3'"  . DG  A 1 6  ? 0.640   6.779  -3.017  1.00 0.30 ? 6  DG  A "C3'"  1 
ATOM   163 O "O3'"  . DG  A 1 6  ? 0.599   7.879  -2.098  1.00 0.29 ? 6  DG  A "O3'"  1 
ATOM   164 C "C2'"  . DG  A 1 6  ? 0.153   5.525  -2.285  1.00 0.35 ? 6  DG  A "C2'"  1 
ATOM   165 C "C1'"  . DG  A 1 6  ? -1.079  5.031  -3.066  1.00 0.34 ? 6  DG  A "C1'"  1 
ATOM   166 N N9     . DG  A 1 6  ? -0.935  3.640  -3.536  1.00 0.33 ? 6  DG  A N9     1 
ATOM   167 C C8     . DG  A 1 6  ? 0.056   3.117  -4.293  1.00 0.31 ? 6  DG  A C8     1 
ATOM   168 N N7     . DG  A 1 6  ? -0.027  1.812  -4.478  1.00 0.30 ? 6  DG  A N7     1 
ATOM   169 C C5     . DG  A 1 6  ? -1.191  1.458  -3.818  1.00 0.29 ? 6  DG  A C5     1 
ATOM   170 C C6     . DG  A 1 6  ? -1.816  0.193  -3.686  1.00 0.30 ? 6  DG  A C6     1 
ATOM   171 O O6     . DG  A 1 6  ? -1.463  -0.868 -4.225  1.00 0.33 ? 6  DG  A O6     1 
ATOM   172 N N1     . DG  A 1 6  ? -2.917  0.271  -2.805  1.00 0.29 ? 6  DG  A N1     1 
ATOM   173 C C2     . DG  A 1 6  ? -3.402  1.425  -2.205  1.00 0.28 ? 6  DG  A C2     1 
ATOM   174 N N2     . DG  A 1 6  ? -4.434  1.235  -1.382  1.00 0.28 ? 6  DG  A N2     1 
ATOM   175 N N3     . DG  A 1 6  ? -2.873  2.623  -2.449  1.00 0.32 ? 6  DG  A N3     1 
ATOM   176 C C4     . DG  A 1 6  ? -1.764  2.579  -3.213  1.00 0.30 ? 6  DG  A C4     1 
ATOM   177 H "H5'"  . DG  A 1 6  ? -0.375  7.377  -6.313  1.00 0.43 ? 6  DG  A "H5'"  1 
ATOM   178 H "H5''" . DG  A 1 6  ? 1.090   8.002  -5.471  1.00 0.40 ? 6  DG  A "H5''" 1 
ATOM   179 H "H4'"  . DG  A 1 6  ? -0.976  7.848  -4.013  1.00 0.34 ? 6  DG  A "H4'"  1 
ATOM   180 H "H3'"  . DG  A 1 6  ? 1.669   6.576  -3.401  1.00 0.33 ? 6  DG  A "H3'"  1 
ATOM   181 H "H2'"  . DG  A 1 6  ? 0.968   4.772  -2.300  1.00 0.41 ? 6  DG  A "H2'"  1 
ATOM   182 H "H2''" . DG  A 1 6  ? -0.066  5.738  -1.214  1.00 0.45 ? 6  DG  A "H2''" 1 
ATOM   183 H "H1'"  . DG  A 1 6  ? -2.041  5.182  -2.524  1.00 0.41 ? 6  DG  A "H1'"  1 
ATOM   184 H H8     . DG  A 1 6  ? 0.836   3.817  -4.587  1.00 0.33 ? 6  DG  A H8     1 
ATOM   185 H H1     . DG  A 1 6  ? -3.332  -0.624 -2.560  1.00 0.30 ? 6  DG  A H1     1 
ATOM   186 H H21    . DG  A 1 6  ? -4.675  0.297  -1.091  1.00 0.29 ? 6  DG  A H21    1 
ATOM   187 H H22    . DG  A 1 6  ? -4.857  2.040  -0.968  1.00 0.33 ? 6  DG  A H22    1 
ATOM   188 O OP3    . DA  B 2 1  ? -3.069  8.219  3.217   1.00 0.37 ? 8  DA  B OP3    1 
ATOM   189 P P      . DA  B 2 1  ? -4.173  7.558  3.948   1.00 0.32 ? 8  DA  B P      1 
ATOM   190 O OP1    . DA  B 2 1  ? -5.514  8.138  3.688   1.00 0.40 ? 8  DA  B OP1    1 
ATOM   191 O OP2    . DA  B 2 1  ? -3.895  7.390  5.391   1.00 0.43 ? 8  DA  B OP2    1 
ATOM   192 O "O5'"  . DA  B 2 1  ? -4.224  6.076  3.389   1.00 0.30 ? 8  DA  B "O5'"  1 
ATOM   193 C "C5'"  . DA  B 2 1  ? -5.401  5.280  3.532   1.00 0.27 ? 8  DA  B "C5'"  1 
ATOM   194 C "C4'"  . DA  B 2 1  ? -5.152  3.902  4.190   1.00 0.24 ? 8  DA  B "C4'"  1 
ATOM   195 O "O4'"  . DA  B 2 1  ? -4.223  3.090  3.383   1.00 0.25 ? 8  DA  B "O4'"  1 
ATOM   196 C "C3'"  . DA  B 2 1  ? -4.532  3.988  5.589   1.00 0.24 ? 8  DA  B "C3'"  1 
ATOM   197 O "O3'"  . DA  B 2 1  ? -5.122  3.003  6.429   1.00 0.29 ? 8  DA  B "O3'"  1 
ATOM   198 C "C2'"  . DA  B 2 1  ? -3.043  3.726  5.309   1.00 0.22 ? 8  DA  B "C2'"  1 
ATOM   199 C "C1'"  . DA  B 2 1  ? -3.075  2.730  4.150   1.00 0.22 ? 8  DA  B "C1'"  1 
ATOM   200 N N9     . DA  B 2 1  ? -1.912  2.827  3.240   1.00 0.21 ? 8  DA  B N9     1 
ATOM   201 C C8     . DA  B 2 1  ? -1.544  3.889  2.463   1.00 0.26 ? 8  DA  B C8     1 
ATOM   202 N N7     . DA  B 2 1  ? -0.428  3.702  1.789   1.00 0.33 ? 8  DA  B N7     1 
ATOM   203 C C5     . DA  B 2 1  ? -0.027  2.431  2.157   1.00 0.26 ? 8  DA  B C5     1 
ATOM   204 C C6     . DA  B 2 1  ? 1.112   1.680  1.789   1.00 0.27 ? 8  DA  B C6     1 
ATOM   205 N N6     . DA  B 2 1  ? 2.055   2.231  0.993   1.00 0.37 ? 8  DA  B N6     1 
ATOM   206 N N1     . DA  B 2 1  ? 1.217   0.417  2.298   1.00 0.27 ? 8  DA  B N1     1 
ATOM   207 C C2     . DA  B 2 1  ? 0.269   -0.024 3.135   1.00 0.27 ? 8  DA  B C2     1 
ATOM   208 N N3     . DA  B 2 1  ? -0.824  0.617  3.566   1.00 0.25 ? 8  DA  B N3     1 
ATOM   209 C C4     . DA  B 2 1  ? -0.917  1.858  3.034   1.00 0.23 ? 8  DA  B C4     1 
ATOM   210 H "H5'"  . DA  B 2 1  ? -5.831  5.109  2.519   1.00 0.34 ? 8  DA  B "H5'"  1 
ATOM   211 H "H5''" . DA  B 2 1  ? -6.188  5.793  4.134   1.00 0.30 ? 8  DA  B "H5''" 1 
ATOM   212 H "H4'"  . DA  B 2 1  ? -6.149  3.396  4.229   1.00 0.31 ? 8  DA  B "H4'"  1 
ATOM   213 H "H3'"  . DA  B 2 1  ? -4.682  5.008  6.013   1.00 0.27 ? 8  DA  B "H3'"  1 
ATOM   214 H "H2'"  . DA  B 2 1  ? -2.583  4.686  4.991   1.00 0.27 ? 8  DA  B "H2'"  1 
ATOM   215 H "H2''" . DA  B 2 1  ? -2.495  3.329  6.182   1.00 0.29 ? 8  DA  B "H2''" 1 
ATOM   216 H "H1'"  . DA  B 2 1  ? -3.184  1.688  4.535   1.00 0.29 ? 8  DA  B "H1'"  1 
ATOM   217 H H8     . DA  B 2 1  ? -2.165  4.792  2.478   1.00 0.32 ? 8  DA  B H8     1 
ATOM   218 H H61    . DA  B 2 1  ? 2.833   1.656  0.700   1.00 0.36 ? 8  DA  B H61    1 
ATOM   219 H H62    . DA  B 2 1  ? 1.928   3.159  0.647   1.00 0.45 ? 8  DA  B H62    1 
ATOM   220 H H2     . DA  B 2 1  ? 0.404   -1.042 3.512   1.00 0.36 ? 8  DA  B H2     1 
ATOM   221 P P      . DC  B 2 2  ? -4.788  2.880  7.973   1.00 0.29 ? 9  DC  B P      1 
ATOM   222 O OP1    . DC  B 2 2  ? -6.003  2.420  8.684   1.00 0.45 ? 9  DC  B OP1    1 
ATOM   223 O OP2    . DC  B 2 2  ? -4.163  4.121  8.485   1.00 0.33 ? 9  DC  B OP2    1 
ATOM   224 O "O5'"  . DC  B 2 2  ? -3.742  1.670  7.950   1.00 0.24 ? 9  DC  B "O5'"  1 
ATOM   225 C "C5'"  . DC  B 2 2  ? -4.276  0.398  7.533   1.00 0.28 ? 9  DC  B "C5'"  1 
ATOM   226 C "C4'"  . DC  B 2 2  ? -3.328  -0.813 7.706   1.00 0.24 ? 9  DC  B "C4'"  1 
ATOM   227 O "O4'"  . DC  B 2 2  ? -2.102  -0.635 6.902   1.00 0.23 ? 9  DC  B "O4'"  1 
ATOM   228 C "C3'"  . DC  B 2 2  ? -2.872  -1.036 9.156   1.00 0.26 ? 9  DC  B "C3'"  1 
ATOM   229 O "O3'"  . DC  B 2 2  ? -2.918  -2.422 9.502   1.00 0.27 ? 9  DC  B "O3'"  1 
ATOM   230 C "C2'"  . DC  B 2 2  ? -1.473  -0.399 9.139   1.00 0.27 ? 9  DC  B "C2'"  1 
ATOM   231 C "C1'"  . DC  B 2 2  ? -0.941  -0.679 7.733   1.00 0.22 ? 9  DC  B "C1'"  1 
ATOM   232 N N1     . DC  B 2 2  ? 0.052   0.339  7.275   1.00 0.23 ? 9  DC  B N1     1 
ATOM   233 C C2     . DC  B 2 2  ? 1.376   -0.081 6.913   1.00 0.23 ? 9  DC  B C2     1 
ATOM   234 O O2     . DC  B 2 2  ? 1.664   -1.269 6.674   1.00 0.32 ? 9  DC  B O2     1 
ATOM   235 N N3     . DC  B 2 2  ? 2.352   0.883  6.802   1.00 0.29 ? 9  DC  B N3     1 
ATOM   236 C C4     . DC  B 2 2  ? 2.092   2.187  7.032   1.00 0.28 ? 9  DC  B C4     1 
ATOM   237 N N4     . DC  B 2 2  ? 3.043   3.138  6.854   1.00 0.34 ? 9  DC  B N4     1 
ATOM   238 C C5     . DC  B 2 2  ? 0.786   2.602  7.446   1.00 0.26 ? 9  DC  B C5     1 
ATOM   239 C C6     . DC  B 2 2  ? -0.183  1.681  7.503   1.00 0.25 ? 9  DC  B C6     1 
ATOM   240 H "H5'"  . DC  B 2 2  ? -4.551  0.445  6.453   1.00 0.38 ? 9  DC  B "H5'"  1 
ATOM   241 H "H5''" . DC  B 2 2  ? -5.205  0.154  8.102   1.00 0.42 ? 9  DC  B "H5''" 1 
ATOM   242 H "H4'"  . DC  B 2 2  ? -3.898  -1.703 7.333   1.00 0.27 ? 9  DC  B "H4'"  1 
ATOM   243 H "H3'"  . DC  B 2 2  ? -3.535  -0.473 9.850   1.00 0.32 ? 9  DC  B "H3'"  1 
ATOM   244 H "H2'"  . DC  B 2 2  ? -1.623  0.687  9.313   1.00 0.33 ? 9  DC  B "H2'"  1 
ATOM   245 H "H2''" . DC  B 2 2  ? -0.783  -0.778 9.910   1.00 0.32 ? 9  DC  B "H2''" 1 
ATOM   246 H "H1'"  . DC  B 2 2  ? -0.500  -1.703 7.676   1.00 0.24 ? 9  DC  B "H1'"  1 
ATOM   247 H H41    . DC  B 2 2  ? 3.908   2.863  6.425   1.00 0.38 ? 9  DC  B H41    1 
ATOM   248 H H42    . DC  B 2 2  ? 2.798   4.105  6.893   1.00 0.36 ? 9  DC  B H42    1 
ATOM   249 H H5     . DC  B 2 2  ? 0.610   3.626  7.761   1.00 0.27 ? 9  DC  B H5     1 
ATOM   250 H H6     . DC  B 2 2  ? -1.196  1.942  7.793   1.00 0.27 ? 9  DC  B H6     1 
ATOM   251 P P      . DT  B 2 3  ? -2.067  -3.068 10.675  1.00 0.27 ? 10 DT  B P      1 
ATOM   252 O OP1    . DT  B 2 3  ? -2.757  -4.288 11.153  1.00 0.36 ? 10 DT  B OP1    1 
ATOM   253 O OP2    . DT  B 2 3  ? -1.697  -2.061 11.699  1.00 0.42 ? 10 DT  B OP2    1 
ATOM   254 O "O5'"  . DT  B 2 3  ? -0.752  -3.511 9.938   1.00 0.24 ? 10 DT  B "O5'"  1 
ATOM   255 C "C5'"  . DT  B 2 3  ? -0.727  -4.633 9.051   1.00 0.24 ? 10 DT  B "C5'"  1 
ATOM   256 C "C4'"  . DT  B 2 3  ? 0.682   -5.249 8.861   1.00 0.20 ? 10 DT  B "C4'"  1 
ATOM   257 O "O4'"  . DT  B 2 3  ? 1.672   -4.201 8.592   1.00 0.21 ? 10 DT  B "O4'"  1 
ATOM   258 C "C3'"  . DT  B 2 3  ? 1.216   -6.011 10.078  1.00 0.22 ? 10 DT  B "C3'"  1 
ATOM   259 O "O3'"  . DT  B 2 3  ? 2.108   -7.019 9.628   1.00 0.26 ? 10 DT  B "O3'"  1 
ATOM   260 C "C2'"  . DT  B 2 3  ? 1.938   -4.886 10.826  1.00 0.21 ? 10 DT  B "C2'"  1 
ATOM   261 C "C1'"  . DT  B 2 3  ? 2.615   -4.139 9.661   1.00 0.21 ? 10 DT  B "C1'"  1 
ATOM   262 N N1     . DT  B 2 3  ? 2.969   -2.689 9.862   1.00 0.21 ? 10 DT  B N1     1 
ATOM   263 C C2     . DT  B 2 3  ? 4.174   -2.218 9.254   1.00 0.23 ? 10 DT  B C2     1 
ATOM   264 O O2     . DT  B 2 3  ? 5.033   -2.927 8.732   1.00 0.31 ? 10 DT  B O2     1 
ATOM   265 N N3     . DT  B 2 3  ? 4.336   -0.828 9.291   1.00 0.21 ? 10 DT  B N3     1 
ATOM   266 C C4     . DT  B 2 3  ? 3.479   0.111  9.869   1.00 0.22 ? 10 DT  B C4     1 
ATOM   267 O O4     . DT  B 2 3  ? 3.799   1.303  9.899   1.00 0.28 ? 10 DT  B O4     1 
ATOM   268 C C5     . DT  B 2 3  ? 2.262   -0.433 10.433  1.00 0.22 ? 10 DT  B C5     1 
ATOM   269 C C7     . DT  B 2 3  ? 1.296   0.542  11.033  1.00 0.26 ? 10 DT  B C7     1 
ATOM   270 C C6     . DT  B 2 3  ? 2.053   -1.768 10.388  1.00 0.20 ? 10 DT  B C6     1 
ATOM   271 H "H5'"  . DT  B 2 3  ? -1.080  -4.291 8.053   1.00 0.30 ? 10 DT  B "H5'"  1 
ATOM   272 H "H5''" . DT  B 2 3  ? -1.414  -5.443 9.392   1.00 0.33 ? 10 DT  B "H5''" 1 
ATOM   273 H "H4'"  . DT  B 2 3  ? 0.658   -5.922 7.975   1.00 0.23 ? 10 DT  B "H4'"  1 
ATOM   274 H "H3'"  . DT  B 2 3  ? 0.390   -6.451 10.677  1.00 0.25 ? 10 DT  B "H3'"  1 
ATOM   275 H "H2'"  . DT  B 2 3  ? 1.193   -4.241 11.333  1.00 0.22 ? 10 DT  B "H2'"  1 
ATOM   276 H "H2''" . DT  B 2 3  ? 2.615   -5.309 11.578  1.00 0.26 ? 10 DT  B "H2''" 1 
ATOM   277 H "H1'"  . DT  B 2 3  ? 3.494   -4.742 9.331   1.00 0.26 ? 10 DT  B "H1'"  1 
ATOM   278 H H3     . DT  B 2 3  ? 5.196   -0.466 8.872   1.00 0.23 ? 10 DT  B H3     1 
ATOM   279 H H71    . DT  B 2 3  ? 0.848   1.190  10.249  1.00 0.44 ? 10 DT  B H71    1 
ATOM   280 H H72    . DT  B 2 3  ? 0.468   0.017  11.563  1.00 0.45 ? 10 DT  B H72    1 
ATOM   281 H H73    . DT  B 2 3  ? 1.809   1.198  11.772  1.00 0.50 ? 10 DT  B H73    1 
ATOM   282 H H6     . DT  B 2 3  ? 1.105   -2.176 10.725  1.00 0.28 ? 10 DT  B H6     1 
ATOM   283 P P      . DG  B 2 4  ? 2.942   -8.076 10.431  1.00 0.29 ? 11 DG  B P      1 
ATOM   284 O OP1    . DG  B 2 4  ? 2.977   -9.297 9.592   1.00 0.34 ? 11 DG  B OP1    1 
ATOM   285 O OP2    . DG  B 2 4  ? 2.421   -8.216 11.813  1.00 0.35 ? 11 DG  B OP2    1 
ATOM   286 O "O5'"  . DG  B 2 4  ? 4.412   -7.441 10.489  1.00 0.32 ? 11 DG  B "O5'"  1 
ATOM   287 C "C5'"  . DG  B 2 4  ? 5.183   -7.476 9.270   1.00 0.32 ? 11 DG  B "C5'"  1 
ATOM   288 C "C4'"  . DG  B 2 4  ? 6.621   -6.897 9.371   1.00 0.30 ? 11 DG  B "C4'"  1 
ATOM   289 O "O4'"  . DG  B 2 4  ? 6.610   -5.464 9.662   1.00 0.34 ? 11 DG  B "O4'"  1 
ATOM   290 C "C3'"  . DG  B 2 4  ? 7.486   -7.535 10.470  1.00 0.27 ? 11 DG  B "C3'"  1 
ATOM   291 O "O3'"  . DG  B 2 4  ? 8.762   -7.868 9.937   1.00 0.33 ? 11 DG  B "O3'"  1 
ATOM   292 C "C2'"  . DG  B 2 4  ? 7.571   -6.402 11.499  1.00 0.27 ? 11 DG  B "C2'"  1 
ATOM   293 C "C1'"  . DG  B 2 4  ? 7.668   -5.198 10.563  1.00 0.28 ? 11 DG  B "C1'"  1 
ATOM   294 N N9     . DG  B 2 4  ? 7.443   -3.849 11.150  1.00 0.26 ? 11 DG  B N9     1 
ATOM   295 C C8     . DG  B 2 4  ? 6.401   -3.470 11.928  1.00 0.27 ? 11 DG  B C8     1 
ATOM   296 N N7     . DG  B 2 4  ? 6.289   -2.182 12.138  1.00 0.24 ? 11 DG  B N7     1 
ATOM   297 C C5     . DG  B 2 4  ? 7.348   -1.644 11.443  1.00 0.19 ? 11 DG  B C5     1 
ATOM   298 C C6     . DG  B 2 4  ? 7.713   -0.296 11.291  1.00 0.17 ? 11 DG  B C6     1 
ATOM   299 O O6     . DG  B 2 4  ? 7.061   0.667  11.703  1.00 0.21 ? 11 DG  B O6     1 
ATOM   300 N N1     . DG  B 2 4  ? 8.888   -0.151 10.530  1.00 0.17 ? 11 DG  B N1     1 
ATOM   301 C C2     . DG  B 2 4  ? 9.596   -1.173 9.932   1.00 0.18 ? 11 DG  B C2     1 
ATOM   302 N N2     . DG  B 2 4  ? 10.651  -0.724 9.235   1.00 0.22 ? 11 DG  B N2     1 
ATOM   303 N N3     . DG  B 2 4  ? 9.208   -2.461 10.057  1.00 0.23 ? 11 DG  B N3     1 
ATOM   304 C C4     . DG  B 2 4  ? 8.099   -2.642 10.822  1.00 0.22 ? 11 DG  B C4     1 
ATOM   305 H "H5'"  . DG  B 2 4  ? 4.654   -6.910 8.469   1.00 0.42 ? 11 DG  B "H5'"  1 
ATOM   306 H "H5''" . DG  B 2 4  ? 5.285   -8.531 8.922   1.00 0.41 ? 11 DG  B "H5''" 1 
ATOM   307 H "H4'"  . DG  B 2 4  ? 7.122   -7.004 8.384   1.00 0.34 ? 11 DG  B "H4'"  1 
ATOM   308 H "H3'"  . DG  B 2 4  ? 6.968   -8.406 10.918  1.00 0.34 ? 11 DG  B "H3'"  1 
ATOM   309 H "H2'"  . DG  B 2 4  ? 6.632   -6.461 12.084  1.00 0.33 ? 11 DG  B "H2'"  1 
ATOM   310 H "H2''" . DG  B 2 4  ? 8.414   -6.521 12.185  1.00 0.38 ? 11 DG  B "H2''" 1 
ATOM   311 H "H1'"  . DG  B 2 4  ? 8.622   -5.230 9.988   1.00 0.39 ? 11 DG  B "H1'"  1 
ATOM   312 H H8     . DG  B 2 4  ? 5.756   -4.238 12.325  1.00 0.29 ? 11 DG  B H8     1 
ATOM   313 H H1     . DG  B 2 4  ? 9.210   0.792  10.340  1.00 0.22 ? 11 DG  B H1     1 
ATOM   314 H H21    . DG  B 2 4  ? 10.832  0.265  9.160   1.00 0.24 ? 11 DG  B H21    1 
ATOM   315 H H22    . DG  B 2 4  ? 11.207  -1.408 8.771   1.00 0.31 ? 11 DG  B H22    1 
ATOM   316 P P      . DG  B 2 5  ? 9.919   -8.614 10.710  1.00 0.28 ? 12 DG  B P      1 
ATOM   317 O OP1    . DG  B 2 5  ? 10.352  -9.771 9.894   1.00 0.30 ? 12 DG  B OP1    1 
ATOM   318 O OP2    . DG  B 2 5  ? 9.518   -8.885 12.110  1.00 0.31 ? 12 DG  B OP2    1 
ATOM   319 O "O5'"  . DG  B 2 5  ? 11.098  -7.529 10.692  1.00 0.30 ? 12 DG  B "O5'"  1 
ATOM   320 C "C5'"  . DG  B 2 5  ? 11.568  -7.120 9.392   1.00 0.31 ? 12 DG  B "C5'"  1 
ATOM   321 C "C4'"  . DG  B 2 5  ? 12.586  -5.955 9.400   1.00 0.29 ? 12 DG  B "C4'"  1 
ATOM   322 O "O4'"  . DG  B 2 5  ? 12.055  -4.816 10.143  1.00 0.28 ? 12 DG  B "O4'"  1 
ATOM   323 C "C3'"  . DG  B 2 5  ? 13.936  -6.299 10.046  1.00 0.32 ? 12 DG  B "C3'"  1 
ATOM   324 O "O3'"  . DG  B 2 5  ? 14.985  -5.735 9.256   1.00 0.34 ? 12 DG  B "O3'"  1 
ATOM   325 C "C2'"  . DG  B 2 5  ? 13.772  -5.674 11.445  1.00 0.28 ? 12 DG  B "C2'"  1 
ATOM   326 C "C1'"  . DG  B 2 5  ? 13.005  -4.401 11.104  1.00 0.25 ? 12 DG  B "C1'"  1 
ATOM   327 N N9     . DG  B 2 5  ? 12.236  -3.788 12.207  1.00 0.24 ? 12 DG  B N9     1 
ATOM   328 C C8     . DG  B 2 5  ? 11.377  -4.399 13.063  1.00 0.28 ? 12 DG  B C8     1 
ATOM   329 N N7     . DG  B 2 5  ? 10.556  -3.588 13.695  1.00 0.29 ? 12 DG  B N7     1 
ATOM   330 C C5     . DG  B 2 5  ? 10.900  -2.343 13.225  1.00 0.24 ? 12 DG  B C5     1 
ATOM   331 C C6     . DG  B 2 5  ? 10.335  -1.091 13.516  1.00 0.23 ? 12 DG  B C6     1 
ATOM   332 O O6     . DG  B 2 5  ? 9.291   -0.887 14.145  1.00 0.27 ? 12 DG  B O6     1 
ATOM   333 N N1     . DG  B 2 5  ? 11.055  -0.045 12.913  1.00 0.23 ? 12 DG  B N1     1 
ATOM   334 C C2     . DG  B 2 5  ? 12.119  -0.195 12.040  1.00 0.22 ? 12 DG  B C2     1 
ATOM   335 N N2     . DG  B 2 5  ? 12.591  0.966  11.575  1.00 0.28 ? 12 DG  B N2     1 
ATOM   336 N N3     . DG  B 2 5  ? 12.583  -1.401 11.696  1.00 0.21 ? 12 DG  B N3     1 
ATOM   337 C C4     . DG  B 2 5  ? 11.961  -2.427 12.326  1.00 0.22 ? 12 DG  B C4     1 
ATOM   338 H "H5'"  . DG  B 2 5  ? 10.710  -6.767 8.769   1.00 0.41 ? 12 DG  B "H5'"  1 
ATOM   339 H "H5''" . DG  B 2 5  ? 12.035  -7.983 8.863   1.00 0.36 ? 12 DG  B "H5''" 1 
ATOM   340 H "H4'"  . DG  B 2 5  ? 12.736  -5.607 8.354   1.00 0.30 ? 12 DG  B "H4'"  1 
ATOM   341 H "H3'"  . DG  B 2 5  ? 14.062  -7.401 10.119  1.00 0.37 ? 12 DG  B "H3'"  1 
ATOM   342 H "H2'"  . DG  B 2 5  ? 13.149  -6.360 12.058  1.00 0.32 ? 12 DG  B "H2'"  1 
ATOM   343 H "H2''" . DG  B 2 5  ? 14.724  -5.486 11.970  1.00 0.33 ? 12 DG  B "H2''" 1 
ATOM   344 H "H1'"  . DG  B 2 5  ? 13.672  -3.660 10.609  1.00 0.27 ? 12 DG  B "H1'"  1 
ATOM   345 H H8     . DG  B 2 5  ? 11.492  -5.472 13.203  1.00 0.34 ? 12 DG  B H8     1 
ATOM   346 H H1     . DG  B 2 5  ? 10.670  0.886  13.056  1.00 0.24 ? 12 DG  B H1     1 
ATOM   347 H H21    . DG  B 2 5  ? 12.199  1.831  11.921  1.00 0.33 ? 12 DG  B H21    1 
ATOM   348 H H22    . DG  B 2 5  ? 13.370  0.947  10.954  1.00 0.35 ? 12 DG  B H22    1 
ATOM   349 P P      . DG  B 2 6  ? 16.482  -5.619 9.739   1.00 0.36 ? 13 DG  B P      1 
ATOM   350 O OP1    . DG  B 2 6  ? 17.379  -5.626 8.562   1.00 0.40 ? 13 DG  B OP1    1 
ATOM   351 O OP2    . DG  B 2 6  ? 16.747  -6.609 10.806  1.00 0.41 ? 13 DG  B OP2    1 
ATOM   352 O "O5'"  . DG  B 2 6  ? 16.527  -4.163 10.385  1.00 0.34 ? 13 DG  B "O5'"  1 
ATOM   353 C "C5'"  . DG  B 2 6  ? 16.480  -3.033 9.504   1.00 0.34 ? 13 DG  B "C5'"  1 
ATOM   354 C "C4'"  . DG  B 2 6  ? 16.941  -1.708 10.155  1.00 0.32 ? 13 DG  B "C4'"  1 
ATOM   355 O "O4'"  . DG  B 2 6  ? 15.969  -1.243 11.141  1.00 0.34 ? 13 DG  B "O4'"  1 
ATOM   356 C "C3'"  . DG  B 2 6  ? 18.261  -1.828 10.904  1.00 0.37 ? 13 DG  B "C3'"  1 
ATOM   357 O "O3'"  . DG  B 2 6  ? 18.994  -0.610 10.823  1.00 0.40 ? 13 DG  B "O3'"  1 
ATOM   358 C "C2'"  . DG  B 2 6  ? 17.815  -2.052 12.347  1.00 0.38 ? 13 DG  B "C2'"  1 
ATOM   359 C "C1'"  . DG  B 2 6  ? 16.553  -1.189 12.434  1.00 0.33 ? 13 DG  B "C1'"  1 
ATOM   360 N N9     . DG  B 2 6  ? 15.538  -1.661 13.402  1.00 0.31 ? 13 DG  B N9     1 
ATOM   361 C C8     . DG  B 2 6  ? 15.207  -2.944 13.704  1.00 0.32 ? 13 DG  B C8     1 
ATOM   362 N N7     . DG  B 2 6  ? 14.263  -3.072 14.607  1.00 0.29 ? 13 DG  B N7     1 
ATOM   363 C C5     . DG  B 2 6  ? 13.889  -1.777 14.892  1.00 0.26 ? 13 DG  B C5     1 
ATOM   364 C C6     . DG  B 2 6  ? 12.877  -1.306 15.757  1.00 0.26 ? 13 DG  B C6     1 
ATOM   365 O O6     . DG  B 2 6  ? 12.079  -1.987 16.413  1.00 0.29 ? 13 DG  B O6     1 
ATOM   366 N N1     . DG  B 2 6  ? 12.830  0.104  15.759  1.00 0.26 ? 13 DG  B N1     1 
ATOM   367 C C2     . DG  B 2 6  ? 13.592  0.947  14.973  1.00 0.27 ? 13 DG  B C2     1 
ATOM   368 N N2     . DG  B 2 6  ? 13.214  2.229  15.069  1.00 0.30 ? 13 DG  B N2     1 
ATOM   369 N N3     . DG  B 2 6  ? 14.560  0.486  14.171  1.00 0.28 ? 13 DG  B N3     1 
ATOM   370 C C4     . DG  B 2 6  ? 14.664  -0.869 14.163  1.00 0.27 ? 13 DG  B C4     1 
ATOM   371 H "H5'"  . DG  B 2 6  ? 15.437  -2.893 9.139   1.00 0.35 ? 13 DG  B "H5'"  1 
ATOM   372 H "H5''" . DG  B 2 6  ? 17.130  -3.199 8.610   1.00 0.42 ? 13 DG  B "H5''" 1 
ATOM   373 H "H4'"  . DG  B 2 6  ? 16.998  -0.930 9.363   1.00 0.32 ? 13 DG  B "H4'"  1 
ATOM   374 H "H3'"  . DG  B 2 6  ? 18.876  -2.669 10.520  1.00 0.42 ? 13 DG  B "H3'"  1 
ATOM   375 H "HO3'" . DG  B 2 6  ? 18.339  0.069  11.015  1.00 0.40 ? 13 DG  B "HO3'" 1 
ATOM   376 H "H2'"  . DG  B 2 6  ? 17.586  -3.131 12.477  1.00 0.41 ? 13 DG  B "H2'"  1 
ATOM   377 H "H2''" . DG  B 2 6  ? 18.574  -1.756 13.092  1.00 0.46 ? 13 DG  B "H2''" 1 
ATOM   378 H "H1'"  . DG  B 2 6  ? 16.815  -0.124 12.622  1.00 0.35 ? 13 DG  B "H1'"  1 
ATOM   379 H H8     . DG  B 2 6  ? 15.664  -3.740 13.119  1.00 0.37 ? 13 DG  B H8     1 
ATOM   380 H H1     . DG  B 2 6  ? 12.065  0.525  16.271  1.00 0.31 ? 13 DG  B H1     1 
ATOM   381 H H21    . DG  B 2 6  ? 12.470  2.480  15.701  1.00 0.32 ? 13 DG  B H21    1 
ATOM   382 H H22    . DG  B 2 6  ? 13.609  2.895  14.440  1.00 0.36 ? 13 DG  B H22    1 
ATOM   383 O "O5'"  . DC  C 3 1  ? 7.304   3.361  21.694  1.00 0.64 ? 14 DC  C "O5'"  1 
ATOM   384 C "C5'"  . DC  C 3 1  ? 8.238   4.394  22.000  1.00 0.62 ? 14 DC  C "C5'"  1 
ATOM   385 C "C4'"  . DC  C 3 1  ? 9.159   4.693  20.807  1.00 0.46 ? 14 DC  C "C4'"  1 
ATOM   386 O "O4'"  . DC  C 3 1  ? 9.620   3.432  20.203  1.00 0.41 ? 14 DC  C "O4'"  1 
ATOM   387 C "C3'"  . DC  C 3 1  ? 8.425   5.449  19.689  1.00 0.43 ? 14 DC  C "C3'"  1 
ATOM   388 O "O3'"  . DC  C 3 1  ? 9.312   6.381  19.088  1.00 0.40 ? 14 DC  C "O3'"  1 
ATOM   389 C "C2'"  . DC  C 3 1  ? 8.088   4.323  18.711  1.00 0.41 ? 14 DC  C "C2'"  1 
ATOM   390 C "C1'"  . DC  C 3 1  ? 9.359   3.484  18.805  1.00 0.34 ? 14 DC  C "C1'"  1 
ATOM   391 N N1     . DC  C 3 1  ? 9.232   2.101  18.252  1.00 0.34 ? 14 DC  C N1     1 
ATOM   392 C C2     . DC  C 3 1  ? 10.226  1.635  17.338  1.00 0.28 ? 14 DC  C C2     1 
ATOM   393 O O2     . DC  C 3 1  ? 11.159  2.357  16.948  1.00 0.34 ? 14 DC  C O2     1 
ATOM   394 N N3     . DC  C 3 1  ? 10.151  0.341  16.894  1.00 0.28 ? 14 DC  C N3     1 
ATOM   395 C C4     . DC  C 3 1  ? 9.185   -0.507 17.317  1.00 0.28 ? 14 DC  C C4     1 
ATOM   396 N N4     . DC  C 3 1  ? 9.183   -1.818 16.973  1.00 0.30 ? 14 DC  C N4     1 
ATOM   397 C C5     . DC  C 3 1  ? 8.148   -0.026 18.193  1.00 0.36 ? 14 DC  C C5     1 
ATOM   398 C C6     . DC  C 3 1  ? 8.210   1.244  18.623  1.00 0.39 ? 14 DC  C C6     1 
ATOM   399 H "H5'"  . DC  C 3 1  ? 8.856   4.054  22.861  1.00 0.70 ? 14 DC  C "H5'"  1 
ATOM   400 H "H5''" . DC  C 3 1  ? 7.694   5.315  22.306  1.00 0.78 ? 14 DC  C "H5''" 1 
ATOM   401 H "H4'"  . DC  C 3 1  ? 10.045  5.271  21.151  1.00 0.51 ? 14 DC  C "H4'"  1 
ATOM   402 H "H3'"  . DC  C 3 1  ? 7.505   5.946  20.074  1.00 0.53 ? 14 DC  C "H3'"  1 
ATOM   403 H "H2'"  . DC  C 3 1  ? 7.196   3.769  19.067  1.00 0.49 ? 14 DC  C "H2'"  1 
ATOM   404 H "H2''" . DC  C 3 1  ? 7.897   4.695  17.690  1.00 0.43 ? 14 DC  C "H2''" 1 
ATOM   405 H "H1'"  . DC  C 3 1  ? 10.212  4.043  18.358  1.00 0.35 ? 14 DC  C "H1'"  1 
ATOM   406 H H41    . DC  C 3 1  ? 9.930   -2.164 16.392  1.00 0.35 ? 14 DC  C H41    1 
ATOM   407 H H42    . DC  C 3 1  ? 8.458   -2.434 17.270  1.00 0.34 ? 14 DC  C H42    1 
ATOM   408 H H5     . DC  C 3 1  ? 7.360   -0.706 18.511  1.00 0.47 ? 14 DC  C H5     1 
ATOM   409 H H6     . DC  C 3 1  ? 7.469   1.668  19.298  1.00 0.45 ? 14 DC  C H6     1 
ATOM   410 H "HO5'" . DC  C 3 1  ? 7.806   2.807  21.079  1.00 0.58 ? 14 DC  C "HO5'" 1 
ATOM   411 P P      . DC  C 3 2  ? 8.801   7.498  18.090  1.00 0.37 ? 15 DC  C P      1 
ATOM   412 O OP1    . DC  C 3 2  ? 9.033   8.823  18.696  1.00 0.39 ? 15 DC  C OP1    1 
ATOM   413 O OP2    . DC  C 3 2  ? 7.430   7.162  17.637  1.00 0.37 ? 15 DC  C OP2    1 
ATOM   414 O "O5'"  . DC  C 3 2  ? 9.785   7.290  16.871  1.00 0.39 ? 15 DC  C "O5'"  1 
ATOM   415 C "C5'"  . DC  C 3 2  ? 11.198  7.418  17.068  1.00 0.37 ? 15 DC  C "C5'"  1 
ATOM   416 C "C4'"  . DC  C 3 2  ? 12.035  6.831  15.908  1.00 0.29 ? 15 DC  C "C4'"  1 
ATOM   417 O "O4'"  . DC  C 3 2  ? 11.642  5.444  15.634  1.00 0.27 ? 15 DC  C "O4'"  1 
ATOM   418 C "C3'"  . DC  C 3 2  ? 11.864  7.576  14.582  1.00 0.25 ? 15 DC  C "C3'"  1 
ATOM   419 O "O3'"  . DC  C 3 2  ? 13.065  7.468  13.827  1.00 0.29 ? 15 DC  C "O3'"  1 
ATOM   420 C "C2'"  . DC  C 3 2  ? 10.762  6.774  13.905  1.00 0.27 ? 15 DC  C "C2'"  1 
ATOM   421 C "C1'"  . DC  C 3 2  ? 11.171  5.350  14.293  1.00 0.24 ? 15 DC  C "C1'"  1 
ATOM   422 N N1     . DC  C 3 2  ? 10.061  4.358  14.243  1.00 0.25 ? 15 DC  C N1     1 
ATOM   423 C C2     . DC  C 3 2  ? 10.268  3.147  13.524  1.00 0.24 ? 15 DC  C C2     1 
ATOM   424 O O2     . DC  C 3 2  ? 11.277  2.977  12.825  1.00 0.31 ? 15 DC  C O2     1 
ATOM   425 N N3     . DC  C 3 2  ? 9.335   2.145  13.642  1.00 0.25 ? 15 DC  C N3     1 
ATOM   426 C C4     . DC  C 3 2  ? 8.278   2.270  14.464  1.00 0.24 ? 15 DC  C C4     1 
ATOM   427 N N4     . DC  C 3 2  ? 7.429   1.243  14.700  1.00 0.25 ? 15 DC  C N4     1 
ATOM   428 C C5     . DC  C 3 2  ? 8.034   3.503  15.154  1.00 0.29 ? 15 DC  C C5     1 
ATOM   429 C C6     . DC  C 3 2  ? 8.921   4.497  15.011  1.00 0.30 ? 15 DC  C C6     1 
ATOM   430 H "H5'"  . DC  C 3 2  ? 11.519  6.884  17.993  1.00 0.43 ? 15 DC  C "H5'"  1 
ATOM   431 H "H5''" . DC  C 3 2  ? 11.461  8.494  17.189  1.00 0.44 ? 15 DC  C "H5''" 1 
ATOM   432 H "H4'"  . DC  C 3 2  ? 13.105  6.827  16.209  1.00 0.34 ? 15 DC  C "H4'"  1 
ATOM   433 H "H3'"  . DC  C 3 2  ? 11.568  8.635  14.763  1.00 0.29 ? 15 DC  C "H3'"  1 
ATOM   434 H "H2'"  . DC  C 3 2  ? 9.778   7.041  14.342  1.00 0.32 ? 15 DC  C "H2'"  1 
ATOM   435 H "H2''" . DC  C 3 2  ? 10.729  6.932  12.811  1.00 0.31 ? 15 DC  C "H2''" 1 
ATOM   436 H "H1'"  . DC  C 3 2  ? 12.063  5.039  13.700  1.00 0.25 ? 15 DC  C "H1'"  1 
ATOM   437 H H41    . DC  C 3 2  ? 7.548   0.353  14.251  1.00 0.29 ? 15 DC  C H41    1 
ATOM   438 H H42    . DC  C 3 2  ? 6.700   1.348  15.354  1.00 0.28 ? 15 DC  C H42    1 
ATOM   439 H H5     . DC  C 3 2  ? 7.159   3.602  15.793  1.00 0.37 ? 15 DC  C H5     1 
ATOM   440 H H6     . DC  C 3 2  ? 8.791   5.455  15.506  1.00 0.41 ? 15 DC  C H6     1 
ATOM   441 P P      . DC  C 3 3  ? 13.358  8.434  12.614  1.00 0.28 ? 16 DC  C P      1 
ATOM   442 O OP1    . DC  C 3 3  ? 14.773  8.858  12.707  1.00 0.37 ? 16 DC  C OP1    1 
ATOM   443 O OP2    . DC  C 3 3  ? 12.332  9.499  12.545  1.00 0.29 ? 16 DC  C OP2    1 
ATOM   444 O "O5'"  . DC  C 3 3  ? 13.193  7.488  11.352  1.00 0.25 ? 16 DC  C "O5'"  1 
ATOM   445 C "C5'"  . DC  C 3 3  ? 14.344  6.719  10.970  1.00 0.25 ? 16 DC  C "C5'"  1 
ATOM   446 C "C4'"  . DC  C 3 3  ? 14.051  5.671  9.882   1.00 0.25 ? 16 DC  C "C4'"  1 
ATOM   447 O "O4'"  . DC  C 3 3  ? 13.023  4.728  10.336  1.00 0.24 ? 16 DC  C "O4'"  1 
ATOM   448 C "C3'"  . DC  C 3 3  ? 13.521  6.272  8.573   1.00 0.26 ? 16 DC  C "C3'"  1 
ATOM   449 O "O3'"  . DC  C 3 3  ? 14.078  5.546  7.497   1.00 0.31 ? 16 DC  C "O3'"  1 
ATOM   450 C "C2'"  . DC  C 3 3  ? 12.019  6.088  8.747   1.00 0.23 ? 16 DC  C "C2'"  1 
ATOM   451 C "C1'"  . DC  C 3 3  ? 12.005  4.661  9.343   1.00 0.22 ? 16 DC  C "C1'"  1 
ATOM   452 N N1     . DC  C 3 3  ? 10.709  4.298  9.992   1.00 0.24 ? 16 DC  C N1     1 
ATOM   453 C C2     . DC  C 3 3  ? 10.167  2.988  9.790   1.00 0.25 ? 16 DC  C C2     1 
ATOM   454 O O2     . DC  C 3 3  ? 10.809  2.077  9.242   1.00 0.30 ? 16 DC  C O2     1 
ATOM   455 N N3     . DC  C 3 3  ? 8.892   2.729  10.236  1.00 0.27 ? 16 DC  C N3     1 
ATOM   456 C C4     . DC  C 3 3  ? 8.165   3.671  10.867  1.00 0.23 ? 16 DC  C C4     1 
ATOM   457 N N4     . DC  C 3 3  ? 6.897   3.431  11.291  1.00 0.25 ? 16 DC  C N4     1 
ATOM   458 C C5     . DC  C 3 3  ? 8.715   4.972  11.116  1.00 0.24 ? 16 DC  C C5     1 
ATOM   459 C C6     . DC  C 3 3  ? 9.953   5.234  10.677  1.00 0.23 ? 16 DC  C C6     1 
ATOM   460 H "H5'"  . DC  C 3 3  ? 14.761  6.171  11.848  1.00 0.29 ? 16 DC  C "H5'"  1 
ATOM   461 H "H5''" . DC  C 3 3  ? 15.141  7.401  10.583  1.00 0.35 ? 16 DC  C "H5''" 1 
ATOM   462 H "H4'"  . DC  C 3 3  ? 14.971  5.078  9.689   1.00 0.30 ? 16 DC  C "H4'"  1 
ATOM   463 H "H3'"  . DC  C 3 3  ? 13.724  7.343  8.436   1.00 0.29 ? 16 DC  C "H3'"  1 
ATOM   464 H "H2'"  . DC  C 3 3  ? 11.624  6.916  9.423   1.00 0.27 ? 16 DC  C "H2'"  1 
ATOM   465 H "H2''" . DC  C 3 3  ? 11.487  6.220  7.800   1.00 0.24 ? 16 DC  C "H2''" 1 
ATOM   466 H "H1'"  . DC  C 3 3  ? 12.331  3.839  8.621   1.00 0.23 ? 16 DC  C "H1'"  1 
ATOM   467 H H41    . DC  C 3 3  ? 6.507   2.510  11.257  1.00 0.32 ? 16 DC  C H41    1 
ATOM   468 H H42    . DC  C 3 3  ? 6.394   4.111  11.791  1.00 0.26 ? 16 DC  C H42    1 
ATOM   469 H H5     . DC  C 3 3  ? 8.133   5.709  11.663  1.00 0.31 ? 16 DC  C H5     1 
ATOM   470 H H6     . DC  C 3 3  ? 10.415  6.202  10.858  1.00 0.28 ? 16 DC  C H6     1 
ATOM   471 P P      . DA  C 3 4  ? 13.750  5.685  5.971   1.00 0.25 ? 17 DA  C P      1 
ATOM   472 O OP1    . DA  C 3 4  ? 15.029  5.746  5.230   1.00 0.33 ? 17 DA  C OP1    1 
ATOM   473 O OP2    . DA  C 3 4  ? 12.766  6.765  5.719   1.00 0.28 ? 17 DA  C OP2    1 
ATOM   474 O "O5'"  . DA  C 3 4  ? 13.069  4.269  5.703   1.00 0.30 ? 17 DA  C "O5'"  1 
ATOM   475 C "C5'"  . DA  C 3 4  ? 13.932  3.124  5.854   1.00 0.30 ? 17 DA  C "C5'"  1 
ATOM   476 C "C4'"  . DA  C 3 4  ? 13.298  1.784  5.427   1.00 0.23 ? 17 DA  C "C4'"  1 
ATOM   477 O "O4'"  . DA  C 3 4  ? 12.088  1.512  6.200   1.00 0.25 ? 17 DA  C "O4'"  1 
ATOM   478 C "C3'"  . DA  C 3 4  ? 12.896  1.745  3.948   1.00 0.22 ? 17 DA  C "C3'"  1 
ATOM   479 O "O3'"  . DA  C 3 4  ? 13.346  0.519  3.396   1.00 0.25 ? 17 DA  C "O3'"  1 
ATOM   480 C "C2'"  . DA  C 3 4  ? 11.368  1.905  4.017   1.00 0.27 ? 17 DA  C "C2'"  1 
ATOM   481 C "C1'"  . DA  C 3 4  ? 11.021  1.194  5.325   1.00 0.22 ? 17 DA  C "C1'"  1 
ATOM   482 N N9     . DA  C 3 4  ? 9.802   1.693  5.991   1.00 0.22 ? 17 DA  C N9     1 
ATOM   483 C C8     . DA  C 3 4  ? 9.484   2.993  6.255   1.00 0.25 ? 17 DA  C C8     1 
ATOM   484 N N7     . DA  C 3 4  ? 8.380   3.158  6.953   1.00 0.27 ? 17 DA  C N7     1 
ATOM   485 C C5     . DA  C 3 4  ? 7.954   1.857  7.186   1.00 0.23 ? 17 DA  C C5     1 
ATOM   486 C C6     . DA  C 3 4  ? 6.842   1.366  7.900   1.00 0.26 ? 17 DA  C C6     1 
ATOM   487 N N6     . DA  C 3 4  ? 5.967   2.203  8.498   1.00 0.33 ? 17 DA  C N6     1 
ATOM   488 N N1     . DA  C 3 4  ? 6.696   0.017  7.968   1.00 0.24 ? 17 DA  C N1     1 
ATOM   489 C C2     . DA  C 3 4  ? 7.590   -0.781 7.365   1.00 0.23 ? 17 DA  C C2     1 
ATOM   490 N N3     . DA  C 3 4  ? 8.676   -0.423 6.672   1.00 0.23 ? 17 DA  C N3     1 
ATOM   491 C C4     . DA  C 3 4  ? 8.801   0.929  6.611   1.00 0.22 ? 17 DA  C C4     1 
ATOM   492 H "H5'"  . DA  C 3 4  ? 14.232  3.016  6.922   1.00 0.39 ? 17 DA  C "H5'"  1 
ATOM   493 H "H5''" . DA  C 3 4  ? 14.863  3.250  5.253   1.00 0.35 ? 17 DA  C "H5''" 1 
ATOM   494 H "H4'"  . DA  C 3 4  ? 14.011  0.961  5.656   1.00 0.24 ? 17 DA  C "H4'"  1 
ATOM   495 H "H3'"  . DA  C 3 4  ? 13.363  2.596  3.403   1.00 0.33 ? 17 DA  C "H3'"  1 
ATOM   496 H "H2'"  . DA  C 3 4  ? 11.147  2.992  4.086   1.00 0.32 ? 17 DA  C "H2'"  1 
ATOM   497 H "H2''" . DA  C 3 4  ? 10.834  1.492  3.142   1.00 0.36 ? 17 DA  C "H2''" 1 
ATOM   498 H "H1'"  . DA  C 3 4  ? 11.010  0.089  5.190   1.00 0.32 ? 17 DA  C "H1'"  1 
ATOM   499 H H8     . DA  C 3 4  ? 10.175  3.767  5.904   1.00 0.24 ? 17 DA  C H8     1 
ATOM   500 H H61    . DA  C 3 4  ? 5.206   1.821  9.037   1.00 0.30 ? 17 DA  C H61    1 
ATOM   501 H H62    . DA  C 3 4  ? 6.124   3.185  8.465   1.00 0.39 ? 17 DA  C H62    1 
ATOM   502 H H2     . DA  C 3 4  ? 7.416   -1.858 7.460   1.00 0.26 ? 17 DA  C H2     1 
ATOM   503 P P      . DG  C 3 5  ? 12.907  -0.130 2.032   1.00 0.23 ? 18 DG  C P      1 
ATOM   504 O OP1    . DG  C 3 5  ? 14.003  -1.001 1.548   1.00 0.34 ? 18 DG  C OP1    1 
ATOM   505 O OP2    . DG  C 3 5  ? 12.389  0.897  1.098   1.00 0.30 ? 18 DG  C OP2    1 
ATOM   506 O "O5'"  . DG  C 3 5  ? 11.691  -1.035 2.510   1.00 0.26 ? 18 DG  C "O5'"  1 
ATOM   507 C "C5'"  . DG  C 3 5  ? 11.947  -2.153 3.372   1.00 0.24 ? 18 DG  C "C5'"  1 
ATOM   508 C "C4'"  . DG  C 3 5  ? 10.780  -3.163 3.446   1.00 0.23 ? 18 DG  C "C4'"  1 
ATOM   509 O "O4'"  . DG  C 3 5  ? 9.569   -2.526 3.969   1.00 0.24 ? 18 DG  C "O4'"  1 
ATOM   510 C "C3'"  . DG  C 3 5  ? 10.395  -3.739 2.081   1.00 0.24 ? 18 DG  C "C3'"  1 
ATOM   511 O "O3'"  . DG  C 3 5  ? 10.081  -5.123 2.230   1.00 0.27 ? 18 DG  C "O3'"  1 
ATOM   512 C "C2'"  . DG  C 3 5  ? 9.178   -2.871 1.711   1.00 0.24 ? 18 DG  C "C2'"  1 
ATOM   513 C "C1'"  . DG  C 3 5  ? 8.494   -2.711 3.062   1.00 0.22 ? 18 DG  C "C1'"  1 
ATOM   514 N N9     . DG  C 3 5  ? 7.633   -1.513 3.190   1.00 0.23 ? 18 DG  C N9     1 
ATOM   515 C C8     . DG  C 3 5  ? 7.980   -0.232 2.914   1.00 0.26 ? 18 DG  C C8     1 
ATOM   516 N N7     . DG  C 3 5  ? 7.151   0.678  3.377   1.00 0.27 ? 18 DG  C N7     1 
ATOM   517 C C5     . DG  C 3 5  ? 6.186   -0.052 4.034   1.00 0.23 ? 18 DG  C C5     1 
ATOM   518 C C6     . DG  C 3 5  ? 5.070   0.393  4.772   1.00 0.22 ? 18 DG  C C6     1 
ATOM   519 O O6     . DG  C 3 5  ? 4.817   1.567  5.066   1.00 0.28 ? 18 DG  C O6     1 
ATOM   520 N N1     . DG  C 3 5  ? 4.289   -0.692 5.231   1.00 0.22 ? 18 DG  C N1     1 
ATOM   521 C C2     . DG  C 3 5  ? 4.603   -2.033 5.088   1.00 0.20 ? 18 DG  C C2     1 
ATOM   522 N N2     . DG  C 3 5  ? 3.745   -2.852 5.702   1.00 0.22 ? 18 DG  C N2     1 
ATOM   523 N N3     . DG  C 3 5  ? 5.697   -2.428 4.428   1.00 0.24 ? 18 DG  C N3     1 
ATOM   524 C C4     . DG  C 3 5  ? 6.439   -1.418 3.916   1.00 0.21 ? 18 DG  C C4     1 
ATOM   525 H "H5'"  . DG  C 3 5  ? 12.141  -1.785 4.407   1.00 0.31 ? 18 DG  C "H5'"  1 
ATOM   526 H "H5''" . DG  C 3 5  ? 12.850  -2.713 3.034   1.00 0.32 ? 18 DG  C "H5''" 1 
ATOM   527 H "H4'"  . DG  C 3 5  ? 11.051  -3.981 4.148   1.00 0.30 ? 18 DG  C "H4'"  1 
ATOM   528 H "H3'"  . DG  C 3 5  ? 11.226  -3.597 1.354   1.00 0.27 ? 18 DG  C "H3'"  1 
ATOM   529 H "H2'"  . DG  C 3 5  ? 9.552   -1.900 1.326   1.00 0.28 ? 18 DG  C "H2'"  1 
ATOM   530 H "H2''" . DG  C 3 5  ? 8.518   -3.318 0.957   1.00 0.29 ? 18 DG  C "H2''" 1 
ATOM   531 H "H1'"  . DG  C 3 5  ? 7.959   -3.646 3.345   1.00 0.25 ? 18 DG  C "H1'"  1 
ATOM   532 H H8     . DG  C 3 5  ? 8.890   -0.076 2.340   1.00 0.24 ? 18 DG  C H8     1 
ATOM   533 H H1     . DG  C 3 5  ? 3.491   -0.479 5.818   1.00 0.24 ? 18 DG  C H1     1 
ATOM   534 H H21    . DG  C 3 5  ? 2.914   -2.473 6.126   1.00 0.27 ? 18 DG  C H21    1 
ATOM   535 H H22    . DG  C 3 5  ? 3.921   -3.835 5.675   1.00 0.28 ? 18 DG  C H22    1 
ATOM   536 P P      . DT  C 3 6  ? 9.675   -6.002 0.987   1.00 0.30 ? 19 DT  C P      1 
ATOM   537 O OP1    . DT  C 3 6  ? 10.121  -7.397 1.213   1.00 0.40 ? 19 DT  C OP1    1 
ATOM   538 O OP2    . DT  C 3 6  ? 10.125  -5.331 -0.252  1.00 0.37 ? 19 DT  C OP2    1 
ATOM   539 O "O5'"  . DT  C 3 6  ? 8.086   -5.964 1.033   1.00 0.36 ? 19 DT  C "O5'"  1 
ATOM   540 C "C5'"  . DT  C 3 6  ? 7.433   -6.658 2.105   1.00 0.36 ? 19 DT  C "C5'"  1 
ATOM   541 C "C4'"  . DT  C 3 6  ? 5.894   -6.528 2.080   1.00 0.33 ? 19 DT  C "C4'"  1 
ATOM   542 O "O4'"  . DT  C 3 6  ? 5.487   -5.125 2.235   1.00 0.29 ? 19 DT  C "O4'"  1 
ATOM   543 C "C3'"  . DT  C 3 6  ? 5.251   -7.017 0.772   1.00 0.32 ? 19 DT  C "C3'"  1 
ATOM   544 O "O3'"  . DT  C 3 6  ? 4.047   -7.698 1.085   1.00 0.34 ? 19 DT  C "O3'"  1 
ATOM   545 C "C2'"  . DT  C 3 6  ? 5.020   -5.679 0.057   1.00 0.31 ? 19 DT  C "C2'"  1 
ATOM   546 C "C1'"  . DT  C 3 6  ? 4.496   -4.846 1.258   1.00 0.28 ? 19 DT  C "C1'"  1 
ATOM   547 N N1     . DT  C 3 6  ? 4.426   -3.365 1.033   1.00 0.26 ? 19 DT  C N1     1 
ATOM   548 C C2     . DT  C 3 6  ? 3.309   -2.633 1.541   1.00 0.29 ? 19 DT  C C2     1 
ATOM   549 O O2     . DT  C 3 6  ? 2.387   -3.107 2.201   1.00 0.36 ? 19 DT  C O2     1 
ATOM   550 N N3     . DT  C 3 6  ? 3.326   -1.265 1.236   1.00 0.30 ? 19 DT  C N3     1 
ATOM   551 C C4     . DT  C 3 6  ? 4.310   -0.569 0.522   1.00 0.27 ? 19 DT  C C4     1 
ATOM   552 O O4     . DT  C 3 6  ? 4.120   0.605  0.191   1.00 0.35 ? 19 DT  C O4     1 
ATOM   553 C C5     . DT  C 3 6  ? 5.489   -1.360 0.196   1.00 0.24 ? 19 DT  C C5     1 
ATOM   554 C C7     . DT  C 3 6  ? 6.684   -0.659 -0.373  1.00 0.25 ? 19 DT  C C7     1 
ATOM   555 C C6     . DT  C 3 6  ? 5.462   -2.692 0.412   1.00 0.26 ? 19 DT  C C6     1 
ATOM   556 H "H5'"  . DT  C 3 6  ? 7.783   -6.265 3.090   1.00 0.46 ? 19 DT  C "H5'"  1 
ATOM   557 H "H5''" . DT  C 3 6  ? 7.683   -7.743 2.063   1.00 0.45 ? 19 DT  C "H5''" 1 
ATOM   558 H "H4'"  . DT  C 3 6  ? 5.469   -7.086 2.944   1.00 0.34 ? 19 DT  C "H4'"  1 
ATOM   559 H "H3'"  . DT  C 3 6  ? 5.914   -7.686 0.196   1.00 0.35 ? 19 DT  C "H3'"  1 
ATOM   560 H "H2'"  . DT  C 3 6  ? 5.978   -5.295 -0.425  1.00 0.39 ? 19 DT  C "H2'"  1 
ATOM   561 H "H2''" . DT  C 3 6  ? 4.321   -5.784 -0.777  1.00 0.43 ? 19 DT  C "H2''" 1 
ATOM   562 H "H1'"  . DT  C 3 6  ? 3.499   -5.200 1.688   1.00 0.34 ? 19 DT  C "H1'"  1 
ATOM   563 H H3     . DT  C 3 6  ? 2.527   -0.717 1.552   1.00 0.38 ? 19 DT  C H3     1 
ATOM   564 H H71    . DT  C 3 6  ? 6.826   0.338  0.102   1.00 0.52 ? 19 DT  C H71    1 
ATOM   565 H H72    . DT  C 3 6  ? 7.614   -1.251 -0.224  1.00 0.52 ? 19 DT  C H72    1 
ATOM   566 H H73    . DT  C 3 6  ? 6.556   -0.500 -1.467  1.00 0.58 ? 19 DT  C H73    1 
ATOM   567 H H6     . DT  C 3 6  ? 6.221   -3.361 0.035   1.00 0.30 ? 19 DT  C H6     1 
ATOM   568 P P      . DA  C 3 7  ? 3.001   -8.353 0.106   1.00 0.34 ? 20 DA  C P      1 
ATOM   569 O OP1    . DA  C 3 7  ? 2.969   -9.813 0.353   1.00 0.46 ? 20 DA  C OP1    1 
ATOM   570 O OP2    . DA  C 3 7  ? 3.207   -7.869 -1.277  1.00 0.44 ? 20 DA  C OP2    1 
ATOM   571 O "O5'"  . DA  C 3 7  ? 1.661   -7.695 0.644   1.00 0.35 ? 20 DA  C "O5'"  1 
ATOM   572 C "C5'"  . DA  C 3 7  ? 1.359   -7.769 2.042   1.00 0.31 ? 20 DA  C "C5'"  1 
ATOM   573 C "C4'"  . DA  C 3 7  ? 0.134   -6.922 2.433   1.00 0.26 ? 20 DA  C "C4'"  1 
ATOM   574 O "O4'"  . DA  C 3 7  ? 0.351   -5.511 2.114   1.00 0.28 ? 20 DA  C "O4'"  1 
ATOM   575 C "C3'"  . DA  C 3 7  ? -1.120  -7.340 1.670   1.00 0.27 ? 20 DA  C "C3'"  1 
ATOM   576 O "O3'"  . DA  C 3 7  ? -2.218  -7.310 2.558   1.00 0.26 ? 20 DA  C "O3'"  1 
ATOM   577 C "C2'"  . DA  C 3 7  ? -1.261  -6.252 0.614   1.00 0.33 ? 20 DA  C "C2'"  1 
ATOM   578 C "C1'"  . DA  C 3 7  ? -0.741  -5.021 1.352   1.00 0.29 ? 20 DA  C "C1'"  1 
ATOM   579 N N9     . DA  C 3 7  ? -0.215  -3.987 0.437   1.00 0.32 ? 20 DA  C N9     1 
ATOM   580 C C8     . DA  C 3 7  ? 0.680   -4.199 -0.560  1.00 0.31 ? 20 DA  C C8     1 
ATOM   581 N N7     . DA  C 3 7  ? 0.948   -3.144 -1.293  1.00 0.32 ? 20 DA  C N7     1 
ATOM   582 C C5     . DA  C 3 7  ? 0.170   -2.153 -0.731  1.00 0.28 ? 20 DA  C C5     1 
ATOM   583 C C6     . DA  C 3 7  ? 0.015   -0.801 -1.084  1.00 0.28 ? 20 DA  C C6     1 
ATOM   584 N N6     . DA  C 3 7  ? 0.697   -0.266 -2.112  1.00 0.32 ? 20 DA  C N6     1 
ATOM   585 N N1     . DA  C 3 7  ? -0.863  -0.072 -0.362  1.00 0.30 ? 20 DA  C N1     1 
ATOM   586 C C2     . DA  C 3 7  ? -1.525  -0.648 0.643   1.00 0.29 ? 20 DA  C C2     1 
ATOM   587 N N3     . DA  C 3 7  ? -1.440  -1.911 1.084   1.00 0.29 ? 20 DA  C N3     1 
ATOM   588 C C4     . DA  C 3 7  ? -0.567  -2.628 0.336   1.00 0.28 ? 20 DA  C C4     1 
ATOM   589 H "H5'"  . DA  C 3 7  ? 2.214   -7.400 2.658   1.00 0.41 ? 20 DA  C "H5'"  1 
ATOM   590 H "H5''" . DA  C 3 7  ? 1.161   -8.827 2.327   1.00 0.42 ? 20 DA  C "H5''" 1 
ATOM   591 H "H4'"  . DA  C 3 7  ? -0.026  -6.998 3.531   1.00 0.31 ? 20 DA  C "H4'"  1 
ATOM   592 H "H3'"  . DA  C 3 7  ? -0.960  -8.354 1.230   1.00 0.32 ? 20 DA  C "H3'"  1 
ATOM   593 H "H2'"  . DA  C 3 7  ? -0.633  -6.517 -0.260  1.00 0.37 ? 20 DA  C "H2'"  1 
ATOM   594 H "H2''" . DA  C 3 7  ? -2.298  -6.098 0.289   1.00 0.36 ? 20 DA  C "H2''" 1 
ATOM   595 H "H1'"  . DA  C 3 7  ? -1.503  -4.626 2.061   1.00 0.36 ? 20 DA  C "H1'"  1 
ATOM   596 H H8     . DA  C 3 7  ? 0.999   -5.231 -0.703  1.00 0.33 ? 20 DA  C H8     1 
ATOM   597 H H61    . DA  C 3 7  ? 0.433   0.658  -2.409  1.00 0.37 ? 20 DA  C H61    1 
ATOM   598 H H62    . DA  C 3 7  ? 1.260   -0.860 -2.687  1.00 0.47 ? 20 DA  C H62    1 
ATOM   599 H H2     . DA  C 3 7  ? -2.221  0.001  1.179   1.00 0.33 ? 20 DA  C H2     1 
ATOM   600 P P      . DC  C 3 8  ? -3.543  -8.097 2.252   1.00 0.27 ? 21 DC  C P      1 
ATOM   601 O OP1    . DC  C 3 8  ? -3.943  -8.799 3.494   1.00 0.31 ? 21 DC  C OP1    1 
ATOM   602 O OP2    . DC  C 3 8  ? -3.382  -8.938 1.041   1.00 0.33 ? 21 DC  C OP2    1 
ATOM   603 O "O5'"  . DC  C 3 8  ? -4.582  -6.919 1.975   1.00 0.32 ? 21 DC  C "O5'"  1 
ATOM   604 C "C5'"  . DC  C 3 8  ? -4.829  -6.021 3.076   1.00 0.31 ? 21 DC  C "C5'"  1 
ATOM   605 C "C4'"  . DC  C 3 8  ? -5.536  -4.712 2.672   1.00 0.27 ? 21 DC  C "C4'"  1 
ATOM   606 O "O4'"  . DC  C 3 8  ? -4.765  -4.025 1.634   1.00 0.27 ? 21 DC  C "O4'"  1 
ATOM   607 C "C3'"  . DC  C 3 8  ? -6.947  -4.942 2.103   1.00 0.34 ? 21 DC  C "C3'"  1 
ATOM   608 O "O3'"  . DC  C 3 8  ? -7.862  -3.996 2.666   1.00 0.42 ? 21 DC  C "O3'"  1 
ATOM   609 C "C2'"  . DC  C 3 8  ? -6.703  -4.790 0.588   1.00 0.32 ? 21 DC  C "C2'"  1 
ATOM   610 C "C1'"  . DC  C 3 8  ? -5.619  -3.685 0.561   1.00 0.29 ? 21 DC  C "C1'"  1 
ATOM   611 N N1     . DC  C 3 8  ? -4.780  -3.680 -0.675  1.00 0.29 ? 21 DC  C N1     1 
ATOM   612 C C2     . DC  C 3 8  ? -4.407  -2.421 -1.230  1.00 0.28 ? 21 DC  C C2     1 
ATOM   613 O O2     . DC  C 3 8  ? -4.666  -1.344 -0.668  1.00 0.31 ? 21 DC  C O2     1 
ATOM   614 N N3     . DC  C 3 8  ? -3.721  -2.414 -2.421  1.00 0.29 ? 21 DC  C N3     1 
ATOM   615 C C4     . DC  C 3 8  ? -3.335  -3.555 -3.022  1.00 0.29 ? 21 DC  C C4     1 
ATOM   616 N N4     . DC  C 3 8  ? -2.560  -3.507 -4.125  1.00 0.34 ? 21 DC  C N4     1 
ATOM   617 C C5     . DC  C 3 8  ? -3.694  -4.829 -2.468  1.00 0.30 ? 21 DC  C C5     1 
ATOM   618 C C6     . DC  C 3 8  ? -4.358  -4.846 -1.302  1.00 0.30 ? 21 DC  C C6     1 
ATOM   619 H "H5'"  . DC  C 3 8  ? -3.874  -5.713 3.568   1.00 0.36 ? 21 DC  C "H5'"  1 
ATOM   620 H "H5''" . DC  C 3 8  ? -5.452  -6.534 3.844   1.00 0.39 ? 21 DC  C "H5''" 1 
ATOM   621 H "H4'"  . DC  C 3 8  ? -5.581  -4.034 3.551   1.00 0.30 ? 21 DC  C "H4'"  1 
ATOM   622 H "H3'"  . DC  C 3 8  ? -7.285  -5.976 2.335   1.00 0.45 ? 21 DC  C "H3'"  1 
ATOM   623 H "H2'"  . DC  C 3 8  ? -6.388  -5.821 0.215   1.00 0.36 ? 21 DC  C "H2'"  1 
ATOM   624 H "H2''" . DC  C 3 8  ? -7.605  -4.478 0.033   1.00 0.43 ? 21 DC  C "H2''" 1 
ATOM   625 H "H1'"  . DC  C 3 8  ? -6.012  -2.642 0.817   1.00 0.31 ? 21 DC  C "H1'"  1 
ATOM   626 H H41    . DC  C 3 8  ? -2.185  -2.602 -4.354  1.00 0.39 ? 21 DC  C H41    1 
ATOM   627 H H42    . DC  C 3 8  ? -2.258  -4.327 -4.607  1.00 0.42 ? 21 DC  C H42    1 
ATOM   628 H H5     . DC  C 3 8  ? -3.390  -5.739 -2.985  1.00 0.35 ? 21 DC  C H5     1 
ATOM   629 H H6     . DC  C 3 8  ? -4.521  -5.778 -0.766  1.00 0.31 ? 21 DC  C H6     1 
ATOM   630 P P      . DT  C 3 9  ? -9.357  -3.843 2.179   1.00 0.40 ? 22 DT  C P      1 
ATOM   631 O OP1    . DT  C 3 9  ? -10.196 -3.503 3.348   1.00 0.50 ? 22 DT  C OP1    1 
ATOM   632 O OP2    . DT  C 3 9  ? -9.753  -5.037 1.394   1.00 0.47 ? 22 DT  C OP2    1 
ATOM   633 O "O5'"  . DT  C 3 9  ? -9.280  -2.561 1.217   1.00 0.38 ? 22 DT  C "O5'"  1 
ATOM   634 C "C5'"  . DT  C 3 9  ? -9.305  -1.293 1.903   1.00 0.34 ? 22 DT  C "C5'"  1 
ATOM   635 C "C4'"  . DT  C 3 9  ? -9.128  -0.061 0.993   1.00 0.31 ? 22 DT  C "C4'"  1 
ATOM   636 O "O4'"  . DT  C 3 9  ? -7.961  -0.241 0.127   1.00 0.32 ? 22 DT  C "O4'"  1 
ATOM   637 C "C3'"  . DT  C 3 9  ? -10.319 0.270  0.068   1.00 0.28 ? 22 DT  C "C3'"  1 
ATOM   638 O "O3'"  . DT  C 3 9  ? -10.563 1.671  0.111   1.00 0.33 ? 22 DT  C "O3'"  1 
ATOM   639 C "C2'"  . DT  C 3 9  ? -9.798  -0.209 -1.277  1.00 0.24 ? 22 DT  C "C2'"  1 
ATOM   640 C "C1'"  . DT  C 3 9  ? -8.305  0.137  -1.186  1.00 0.30 ? 22 DT  C "C1'"  1 
ATOM   641 N N1     . DT  C 3 9  ? -7.502  -0.607 -2.150  1.00 0.28 ? 22 DT  C N1     1 
ATOM   642 C C2     . DT  C 3 9  ? -6.913  0.080  -3.246  1.00 0.24 ? 22 DT  C C2     1 
ATOM   643 O O2     . DT  C 3 9  ? -6.800  1.298  -3.339  1.00 0.29 ? 22 DT  C O2     1 
ATOM   644 N N3     . DT  C 3 9  ? -6.434  -0.756 -4.251  1.00 0.24 ? 22 DT  C N3     1 
ATOM   645 C C4     . DT  C 3 9  ? -6.510  -2.150 -4.292  1.00 0.23 ? 22 DT  C C4     1 
ATOM   646 O O4     . DT  C 3 9  ? -6.028  -2.784 -5.232  1.00 0.25 ? 22 DT  C O4     1 
ATOM   647 C C5     . DT  C 3 9  ? -7.171  -2.741 -3.141  1.00 0.24 ? 22 DT  C C5     1 
ATOM   648 C C7     . DT  C 3 9  ? -7.413  -4.183 -3.107  1.00 0.30 ? 22 DT  C C7     1 
ATOM   649 C C6     . DT  C 3 9  ? -7.590  -1.963 -2.140  1.00 0.26 ? 22 DT  C C6     1 
ATOM   650 H "H5'"  . DT  C 3 9  ? -8.472  -1.252 2.649   1.00 0.38 ? 22 DT  C "H5'"  1 
ATOM   651 H "H5''" . DT  C 3 9  ? -10.261 -1.165 2.465   1.00 0.37 ? 22 DT  C "H5''" 1 
ATOM   652 H "H4'"  . DT  C 3 9  ? -8.906  0.820  1.636   1.00 0.37 ? 22 DT  C "H4'"  1 
ATOM   653 H "H3'"  . DT  C 3 9  ? -11.247 -0.304 0.261   1.00 0.28 ? 22 DT  C "H3'"  1 
ATOM   654 H "H2'"  . DT  C 3 9  ? -10.058 -1.318 -1.354  1.00 0.20 ? 22 DT  C "H2'"  1 
ATOM   655 H "H2''" . DT  C 3 9  ? -10.296 0.303  -2.097  1.00 0.30 ? 22 DT  C "H2''" 1 
ATOM   656 H "H1'"  . DT  C 3 9  ? -7.982  1.193  -1.249  1.00 0.37 ? 22 DT  C "H1'"  1 
ATOM   657 H H3     . DT  C 3 9  ? -5.857  -0.300 -4.958  1.00 0.26 ? 22 DT  C H3     1 
ATOM   658 H H71    . DT  C 3 9  ? -6.481  -4.750 -3.332  1.00 1.06 ? 22 DT  C H71    1 
ATOM   659 H H72    . DT  C 3 9  ? -7.785  -4.528 -2.116  1.00 0.94 ? 22 DT  C H72    1 
ATOM   660 H H73    . DT  C 3 9  ? -8.176  -4.471 -3.866  1.00 1.13 ? 22 DT  C H73    1 
ATOM   661 H H6     . DT  C 3 9  ? -8.039  -2.350 -1.224  1.00 0.32 ? 22 DT  C H6     1 
ATOM   662 P P      . DT  C 3 10 ? -11.834 2.402  -0.464  1.00 0.34 ? 23 DT  C P      1 
ATOM   663 O OP1    . DT  C 3 10 ? -12.491 3.122  0.645   1.00 0.47 ? 23 DT  C OP1    1 
ATOM   664 O OP2    . DT  C 3 10 ? -12.636 1.473  -1.299  1.00 0.36 ? 23 DT  C OP2    1 
ATOM   665 O "O5'"  . DT  C 3 10 ? -11.176 3.468  -1.425  1.00 0.31 ? 23 DT  C "O5'"  1 
ATOM   666 C "C5'"  . DT  C 3 10 ? -10.450 4.614  -0.985  1.00 0.36 ? 23 DT  C "C5'"  1 
ATOM   667 C "C4'"  . DT  C 3 10 ? -9.737  5.383  -2.137  1.00 0.34 ? 23 DT  C "C4'"  1 
ATOM   668 O "O4'"  . DT  C 3 10 ? -8.784  4.505  -2.833  1.00 0.31 ? 23 DT  C "O4'"  1 
ATOM   669 C "C3'"  . DT  C 3 10 ? -10.690 5.913  -3.229  1.00 0.33 ? 23 DT  C "C3'"  1 
ATOM   670 O "O3'"  . DT  C 3 10 ? -10.198 7.139  -3.763  1.00 0.39 ? 23 DT  C "O3'"  1 
ATOM   671 C "C2'"  . DT  C 3 10 ? -10.658 4.732  -4.203  1.00 0.28 ? 23 DT  C "C2'"  1 
ATOM   672 C "C1'"  . DT  C 3 10 ? -9.171  4.375  -4.193  1.00 0.26 ? 23 DT  C "C1'"  1 
ATOM   673 N N1     . DT  C 3 10 ? -8.957  2.977  -4.611  1.00 0.29 ? 23 DT  C N1     1 
ATOM   674 C C2     . DT  C 3 10 ? -8.140  2.684  -5.734  1.00 0.28 ? 23 DT  C C2     1 
ATOM   675 O O2     . DT  C 3 10 ? -7.289  3.427  -6.217  1.00 0.32 ? 23 DT  C O2     1 
ATOM   676 N N3     . DT  C 3 10 ? -8.368  1.419  -6.284  1.00 0.27 ? 23 DT  C N3     1 
ATOM   677 C C4     . DT  C 3 10 ? -9.315  0.462  -5.869  1.00 0.26 ? 23 DT  C C4     1 
ATOM   678 O O4     . DT  C 3 10 ? -9.363  -0.644 -6.414  1.00 0.27 ? 23 DT  C O4     1 
ATOM   679 C C5     . DT  C 3 10 ? -10.164 0.913  -4.777  1.00 0.26 ? 23 DT  C C5     1 
ATOM   680 C C7     . DT  C 3 10 ? -11.395 0.190  -4.370  1.00 0.33 ? 23 DT  C C7     1 
ATOM   681 C C6     . DT  C 3 10 ? -9.887  2.070  -4.179  1.00 0.28 ? 23 DT  C C6     1 
ATOM   682 H "H5'"  . DT  C 3 10 ? -9.673  4.310  -0.246  1.00 0.41 ? 23 DT  C "H5'"  1 
ATOM   683 H "H5''" . DT  C 3 10 ? -11.146 5.318  -0.476  1.00 0.44 ? 23 DT  C "H5''" 1 
ATOM   684 H "H4'"  . DT  C 3 10 ? -9.159  6.223  -1.697  1.00 0.38 ? 23 DT  C "H4'"  1 
ATOM   685 H "H3'"  . DT  C 3 10 ? -11.711 6.056  -2.812  1.00 0.42 ? 23 DT  C "H3'"  1 
ATOM   686 H "H2'"  . DT  C 3 10 ? -11.321 3.983  -3.738  1.00 0.32 ? 23 DT  C "H2'"  1 
ATOM   687 H "H2''" . DT  C 3 10 ? -11.059 4.807  -5.213  1.00 0.30 ? 23 DT  C "H2''" 1 
ATOM   688 H "H1'"  . DT  C 3 10 ? -8.578  5.097  -4.798  1.00 0.26 ? 23 DT  C "H1'"  1 
ATOM   689 H H3     . DT  C 3 10 ? -7.732  1.188  -7.054  1.00 0.27 ? 23 DT  C H3     1 
ATOM   690 H H71    . DT  C 3 10 ? -11.972 0.729  -3.584  1.00 0.91 ? 23 DT  C H71    1 
ATOM   691 H H72    . DT  C 3 10 ? -12.071 0.051  -5.242  1.00 0.92 ? 23 DT  C H72    1 
ATOM   692 H H73    . DT  C 3 10 ? -11.141 -0.820 -3.974  1.00 1.15 ? 23 DT  C H73    1 
ATOM   693 H H6     . DT  C 3 10 ? -10.467 2.375  -3.324  1.00 0.29 ? 23 DT  C H6     1 
ATOM   694 P P      . DT  C 3 11 ? -10.692 7.709  -5.154  1.00 0.34 ? 24 DT  C P      1 
ATOM   695 O OP1    . DT  C 3 11 ? -10.630 9.186  -5.083  1.00 0.44 ? 24 DT  C OP1    1 
ATOM   696 O OP2    . DT  C 3 11 ? -12.007 7.130  -5.528  1.00 0.45 ? 24 DT  C OP2    1 
ATOM   697 O "O5'"  . DT  C 3 11 ? -9.605  7.194  -6.184  1.00 0.38 ? 24 DT  C "O5'"  1 
ATOM   698 C "C5'"  . DT  C 3 11 ? -8.499  8.012  -6.598  1.00 0.38 ? 24 DT  C "C5'"  1 
ATOM   699 C "C4'"  . DT  C 3 11 ? -8.042  7.812  -8.077  1.00 0.34 ? 24 DT  C "C4'"  1 
ATOM   700 O "O4'"  . DT  C 3 11 ? -7.958  6.379  -8.394  1.00 0.31 ? 24 DT  C "O4'"  1 
ATOM   701 C "C3'"  . DT  C 3 11 ? -8.972  8.410  -9.154  1.00 0.37 ? 24 DT  C "C3'"  1 
ATOM   702 O "O3'"  . DT  C 3 11 ? -8.245  8.681  -10.354 1.00 0.40 ? 24 DT  C "O3'"  1 
ATOM   703 C "C2'"  . DT  C 3 11 ? -9.932  7.240  -9.321  1.00 0.34 ? 24 DT  C "C2'"  1 
ATOM   704 C "C1'"  . DT  C 3 11 ? -8.889  6.091  -9.438  1.00 0.29 ? 24 DT  C "C1'"  1 
ATOM   705 N N1     . DT  C 3 11 ? -9.461  4.734  -9.196  1.00 0.26 ? 24 DT  C N1     1 
ATOM   706 C C2     . DT  C 3 11 ? -9.043  3.659  -10.028 1.00 0.31 ? 24 DT  C C2     1 
ATOM   707 O O2     . DT  C 3 11 ? -8.140  3.707  -10.862 1.00 0.32 ? 24 DT  C O2     1 
ATOM   708 N N3     . DT  C 3 11 ? -9.746  2.469  -9.817  1.00 0.32 ? 24 DT  C N3     1 
ATOM   709 C C4     . DT  C 3 11 ? -10.819 2.257  -8.946  1.00 0.29 ? 24 DT  C C4     1 
ATOM   710 O O4     . DT  C 3 11 ? -11.404 1.171  -8.925  1.00 0.35 ? 24 DT  C O4     1 
ATOM   711 C C5     . DT  C 3 11 ? -11.146 3.386  -8.097  1.00 0.28 ? 24 DT  C C5     1 
ATOM   712 C C7     . DT  C 3 11 ? -12.243 3.223  -7.096  1.00 0.33 ? 24 DT  C C7     1 
ATOM   713 C C6     . DT  C 3 11 ? -10.458 4.536  -8.245  1.00 0.29 ? 24 DT  C C6     1 
ATOM   714 H "H5'"  . DT  C 3 11 ? -7.635  7.750  -5.949  1.00 0.52 ? 24 DT  C "H5'"  1 
ATOM   715 H "H5''" . DT  C 3 11 ? -8.693  9.099  -6.452  1.00 0.49 ? 24 DT  C "H5''" 1 
ATOM   716 H "H4'"  . DT  C 3 11 ? -7.021  8.235  -8.189  1.00 0.38 ? 24 DT  C "H4'"  1 
ATOM   717 H "H3'"  . DT  C 3 11 ? -9.511  9.318  -8.839  1.00 0.42 ? 24 DT  C "H3'"  1 
ATOM   718 H "H2'"  . DT  C 3 11 ? -10.629 7.184  -8.421  1.00 0.35 ? 24 DT  C "H2'"  1 
ATOM   719 H "H2''" . DT  C 3 11 ? -10.584 7.418  -10.177 1.00 0.40 ? 24 DT  C "H2''" 1 
ATOM   720 H "H1'"  . DT  C 3 11 ? -8.259  6.111  -10.390 1.00 0.34 ? 24 DT  C "H1'"  1 
ATOM   721 H H3     . DT  C 3 11 ? -9.434  1.678  -10.382 1.00 0.34 ? 24 DT  C H3     1 
ATOM   722 H H71    . DT  C 3 11 ? -13.068 2.596  -7.502  1.00 0.71 ? 24 DT  C H71    1 
ATOM   723 H H72    . DT  C 3 11 ? -11.859 2.732  -6.174  1.00 0.84 ? 24 DT  C H72    1 
ATOM   724 H H73    . DT  C 3 11 ? -12.674 4.208  -6.802  1.00 0.94 ? 24 DT  C H73    1 
ATOM   725 H H6     . DT  C 3 11 ? -10.650 5.380  -7.587  1.00 0.28 ? 24 DT  C H6     1 
ATOM   726 P P      . DG  C 3 12 ? -8.812  9.393  -11.645 1.00 0.41 ? 25 DG  C P      1 
ATOM   727 O OP1    . DG  C 3 12 ? -7.926  10.532 -11.965 1.00 0.44 ? 25 DG  C OP1    1 
ATOM   728 O OP2    . DG  C 3 12 ? -10.254 9.696  -11.485 1.00 0.51 ? 25 DG  C OP2    1 
ATOM   729 O "O5'"  . DG  C 3 12 ? -8.630  8.282  -12.783 1.00 0.44 ? 25 DG  C "O5'"  1 
ATOM   730 C "C5'"  . DG  C 3 12 ? -7.273  8.002  -13.180 1.00 0.39 ? 25 DG  C "C5'"  1 
ATOM   731 C "C4'"  . DG  C 3 12 ? -7.110  6.831  -14.178 1.00 0.33 ? 25 DG  C "C4'"  1 
ATOM   732 O "O4'"  . DG  C 3 12 ? -7.738  5.625  -13.657 1.00 0.36 ? 25 DG  C "O4'"  1 
ATOM   733 C "C3'"  . DG  C 3 12 ? -7.723  7.066  -15.572 1.00 0.36 ? 25 DG  C "C3'"  1 
ATOM   734 O "O3'"  . DG  C 3 12 ? -6.769  6.694  -16.553 1.00 0.37 ? 25 DG  C "O3'"  1 
ATOM   735 C "C2'"  . DG  C 3 12 ? -8.966  6.165  -15.539 1.00 0.35 ? 25 DG  C "C2'"  1 
ATOM   736 C "C1'"  . DG  C 3 12 ? -8.452  5.003  -14.701 1.00 0.33 ? 25 DG  C "C1'"  1 
ATOM   737 N N9     . DG  C 3 12 ? -9.504  4.197  -14.063 1.00 0.32 ? 25 DG  C N9     1 
ATOM   738 C C8     . DG  C 3 12 ? -10.450 4.624  -13.199 1.00 0.33 ? 25 DG  C C8     1 
ATOM   739 N N7     . DG  C 3 12 ? -11.167 3.670  -12.645 1.00 0.33 ? 25 DG  C N7     1 
ATOM   740 C C5     . DG  C 3 12 ? -10.624 2.513  -13.165 1.00 0.27 ? 25 DG  C C5     1 
ATOM   741 C C6     . DG  C 3 12 ? -10.951 1.169  -12.901 1.00 0.27 ? 25 DG  C C6     1 
ATOM   742 O O6     . DG  C 3 12 ? -11.783 0.784  -12.066 1.00 0.30 ? 25 DG  C O6     1 
ATOM   743 N N1     . DG  C 3 12 ? -10.164 0.286  -13.670 1.00 0.25 ? 25 DG  C N1     1 
ATOM   744 C C2     . DG  C 3 12 ? -9.138  0.653  -14.522 1.00 0.24 ? 25 DG  C C2     1 
ATOM   745 N N2     . DG  C 3 12 ? -8.483  -0.390 -15.035 1.00 0.26 ? 25 DG  C N2     1 
ATOM   746 N N3     . DG  C 3 12 ? -8.837  1.937  -14.752 1.00 0.26 ? 25 DG  C N3     1 
ATOM   747 C C4     . DG  C 3 12 ? -9.598  2.811  -14.060 1.00 0.27 ? 25 DG  C C4     1 
ATOM   748 H "H5'"  . DG  C 3 12 ? -6.661  7.739  -12.282 1.00 0.44 ? 25 DG  C "H5'"  1 
ATOM   749 H "H5''" . DG  C 3 12 ? -6.815  8.905  -13.645 1.00 0.46 ? 25 DG  C "H5''" 1 
ATOM   750 H "H4'"  . DG  C 3 12 ? -6.026  6.601  -14.276 1.00 0.33 ? 25 DG  C "H4'"  1 
ATOM   751 H "H3'"  . DG  C 3 12 ? -8.004  8.133  -15.698 1.00 0.47 ? 25 DG  C "H3'"  1 
ATOM   752 H "H2'"  . DG  C 3 12 ? -9.781  6.708  -15.012 1.00 0.35 ? 25 DG  C "H2'"  1 
ATOM   753 H "H2''" . DG  C 3 12 ? -9.328  5.849  -16.533 1.00 0.40 ? 25 DG  C "H2''" 1 
ATOM   754 H "H1'"  . DG  C 3 12 ? -7.720  4.382  -15.262 1.00 0.33 ? 25 DG  C "H1'"  1 
ATOM   755 H H8     . DG  C 3 12 ? -10.491 5.699  -13.033 1.00 0.42 ? 25 DG  C H8     1 
ATOM   756 H H1     . DG  C 3 12 ? -10.262 -0.700 -13.466 1.00 0.27 ? 25 DG  C H1     1 
ATOM   757 H H21    . DG  C 3 12 ? -8.724  -1.320 -14.719 1.00 0.27 ? 25 DG  C H21    1 
ATOM   758 H H22    . DG  C 3 12 ? -7.713  -0.191 -15.635 1.00 0.33 ? 25 DG  C H22    1 
ATOM   759 P P      . DG  C 3 13 ? -6.985  6.332  -18.067 1.00 0.38 ? 26 DG  C P      1 
ATOM   760 O OP1    . DG  C 3 13 ? -5.708  6.564  -18.774 1.00 0.38 ? 26 DG  C OP1    1 
ATOM   761 O OP2    . DG  C 3 13 ? -8.196  6.996  -18.604 1.00 0.45 ? 26 DG  C OP2    1 
ATOM   762 O "O5'"  . DG  C 3 13 ? -7.227  4.763  -18.015 1.00 0.36 ? 26 DG  C "O5'"  1 
ATOM   763 C "C5'"  . DG  C 3 13 ? -6.119  3.903  -17.706 1.00 0.35 ? 26 DG  C "C5'"  1 
ATOM   764 C "C4'"  . DG  C 3 13 ? -6.263  2.486  -18.296 1.00 0.32 ? 26 DG  C "C4'"  1 
ATOM   765 O "O4'"  . DG  C 3 13 ? -7.431  1.824  -17.724 1.00 0.35 ? 26 DG  C "O4'"  1 
ATOM   766 C "C3'"  . DG  C 3 13 ? -6.480  2.491  -19.809 1.00 0.38 ? 26 DG  C "C3'"  1 
ATOM   767 O "O3'"  . DG  C 3 13 ? -5.811  1.396  -20.438 1.00 0.40 ? 26 DG  C "O3'"  1 
ATOM   768 C "C2'"  . DG  C 3 13 ? -7.997  2.336  -19.949 1.00 0.43 ? 26 DG  C "C2'"  1 
ATOM   769 C "C1'"  . DG  C 3 13 ? -8.344  1.459  -18.743 1.00 0.36 ? 26 DG  C "C1'"  1 
ATOM   770 N N9     . DG  C 3 13 ? -9.694  1.643  -18.168 1.00 0.36 ? 26 DG  C N9     1 
ATOM   771 C C8     . DG  C 3 13 ? -10.310 2.798  -17.787 1.00 0.38 ? 26 DG  C C8     1 
ATOM   772 N N7     . DG  C 3 13 ? -11.412 2.621  -17.094 1.00 0.37 ? 26 DG  C N7     1 
ATOM   773 C C5     . DG  C 3 13 ? -11.496 1.258  -16.928 1.00 0.33 ? 26 DG  C C5     1 
ATOM   774 C C6     . DG  C 3 13 ? -12.430 0.501  -16.188 1.00 0.32 ? 26 DG  C C6     1 
ATOM   775 O O6     . DG  C 3 13 ? -13.345 0.952  -15.485 1.00 0.37 ? 26 DG  C O6     1 
ATOM   776 N N1     . DG  C 3 13 ? -12.154 -0.877 -16.280 1.00 0.31 ? 26 DG  C N1     1 
ATOM   777 C C2     . DG  C 3 13 ? -11.079 -1.450 -16.941 1.00 0.31 ? 26 DG  C C2     1 
ATOM   778 N N2     . DG  C 3 13 ? -10.999 -2.776 -16.749 1.00 0.33 ? 26 DG  C N2     1 
ATOM   779 N N3     . DG  C 3 13 ? -10.212 -0.716 -17.655 1.00 0.33 ? 26 DG  C N3     1 
ATOM   780 C C4     . DG  C 3 13 ? -10.460 0.618  -17.607 1.00 0.32 ? 26 DG  C C4     1 
ATOM   781 H "H5'"  . DG  C 3 13 ? -6.038  3.800  -16.599 1.00 0.40 ? 26 DG  C "H5'"  1 
ATOM   782 H "H5''" . DG  C 3 13 ? -5.149  4.319  -18.073 1.00 0.42 ? 26 DG  C "H5''" 1 
ATOM   783 H "H4'"  . DG  C 3 13 ? -5.374  1.880  -18.021 1.00 0.35 ? 26 DG  C "H4'"  1 
ATOM   784 H "H3'"  . DG  C 3 13 ? -6.130  3.445  -20.259 1.00 0.42 ? 26 DG  C "H3'"  1 
ATOM   785 H "HO3'" . DG  C 3 13 ? -6.266  0.607  -20.125 1.00 0.41 ? 26 DG  C "HO3'" 1 
ATOM   786 H "H2'"  . DG  C 3 13 ? -8.468  3.337  -19.862 1.00 0.46 ? 26 DG  C "H2'"  1 
ATOM   787 H "H2''" . DG  C 3 13 ? -8.295  1.869  -20.906 1.00 0.52 ? 26 DG  C "H2''" 1 
ATOM   788 H "H1'"  . DG  C 3 13 ? -8.151  0.389  -18.973 1.00 0.40 ? 26 DG  C "H1'"  1 
ATOM   789 H H8     . DG  C 3 13 ? -9.802  3.745  -17.977 1.00 0.40 ? 26 DG  C H8     1 
ATOM   790 H H1     . DG  C 3 13 ? -12.715 -1.484 -15.693 1.00 0.32 ? 26 DG  C H1     1 
ATOM   791 H H21    . DG  C 3 13 ? -11.721 -3.233 -16.217 1.00 0.35 ? 26 DG  C H21    1 
ATOM   792 H H22    . DG  C 3 13 ? -10.245 -3.283 -17.160 1.00 0.41 ? 26 DG  C H22    1 
HETATM 793 P P      . PGA D 4 .  ? 1.607   9.074  -2.350  1.00 0.35 ? 7  PGA A P      1 
HETATM 794 O O1P    . PGA D 4 .  ? 1.190   10.145 -1.258  1.00 0.37 ? 7  PGA A O1P    1 
HETATM 795 O O2P    . PGA D 4 .  ? 2.978   8.551  -2.130  1.00 0.48 ? 7  PGA A O2P    1 
HETATM 796 O O3P    . PGA D 4 .  ? 1.299   9.633  -3.688  1.00 0.40 ? 7  PGA A O3P    1 
HETATM 797 C C2     . PGA D 4 .  ? 1.900   10.357 -0.023  1.00 0.49 ? 7  PGA A C2     1 
HETATM 798 C C1     . PGA D 4 .  ? 2.987   11.456 -0.031  1.00 0.39 ? 7  PGA A C1     1 
HETATM 799 O O1     . PGA D 4 .  ? 2.739   12.606 -0.484  1.00 0.39 ? 7  PGA A O1     1 
HETATM 800 O O2     . PGA D 4 .  ? 4.091   11.144 0.500   1.00 0.40 ? 7  PGA A O2     1 
HETATM 801 H H21    . PGA D 4 .  ? 1.172   10.637 0.764   1.00 0.67 ? 7  PGA A H21    1 
HETATM 802 H H22    . PGA D 4 .  ? 2.400   9.419  0.311   1.00 0.64 ? 7  PGA A H22    1 
# 
